data_5LFS
# 
_entry.id   5LFS 
# 
_audit_conform.dict_name       mmcif_pdbx.dic 
_audit_conform.dict_version    5.391 
_audit_conform.dict_location   http://mmcif.pdb.org/dictionaries/ascii/mmcif_pdbx.dic 
# 
loop_
_database_2.database_id 
_database_2.database_code 
_database_2.pdbx_database_accession 
_database_2.pdbx_DOI 
PDB   5LFS         pdb_00005lfs 10.2210/pdb5lfs/pdb 
WWPDB D_1200000628 ?            ?                   
# 
loop_
_pdbx_audit_revision_history.ordinal 
_pdbx_audit_revision_history.data_content_type 
_pdbx_audit_revision_history.major_revision 
_pdbx_audit_revision_history.minor_revision 
_pdbx_audit_revision_history.revision_date 
1 'Structure model' 1 0 2017-02-15 
2 'Structure model' 1 1 2017-04-19 
3 'Structure model' 1 2 2017-08-30 
4 'Structure model' 1 3 2024-05-08 
# 
_pdbx_audit_revision_details.ordinal             1 
_pdbx_audit_revision_details.revision_ordinal    1 
_pdbx_audit_revision_details.data_content_type   'Structure model' 
_pdbx_audit_revision_details.provider            repository 
_pdbx_audit_revision_details.type                'Initial release' 
_pdbx_audit_revision_details.description         ? 
_pdbx_audit_revision_details.details             ? 
# 
loop_
_pdbx_audit_revision_group.ordinal 
_pdbx_audit_revision_group.revision_ordinal 
_pdbx_audit_revision_group.data_content_type 
_pdbx_audit_revision_group.group 
1 2 'Structure model' 'Database references'        
2 3 'Structure model' 'Author supporting evidence' 
3 4 'Structure model' 'Data collection'            
4 4 'Structure model' 'Database references'        
5 4 'Structure model' 'Derived calculations'       
# 
loop_
_pdbx_audit_revision_category.ordinal 
_pdbx_audit_revision_category.revision_ordinal 
_pdbx_audit_revision_category.data_content_type 
_pdbx_audit_revision_category.category 
1 3 'Structure model' pdbx_audit_support     
2 4 'Structure model' chem_comp_atom         
3 4 'Structure model' chem_comp_bond         
4 4 'Structure model' database_2             
5 4 'Structure model' pdbx_struct_conn_angle 
6 4 'Structure model' struct_conn            
7 4 'Structure model' struct_conn_type       
# 
loop_
_pdbx_audit_revision_item.ordinal 
_pdbx_audit_revision_item.revision_ordinal 
_pdbx_audit_revision_item.data_content_type 
_pdbx_audit_revision_item.item 
1  3 'Structure model' '_pdbx_audit_support.funding_organization'    
2  4 'Structure model' '_database_2.pdbx_DOI'                        
3  4 'Structure model' '_database_2.pdbx_database_accession'         
4  4 'Structure model' '_pdbx_struct_conn_angle.ptnr1_auth_asym_id'  
5  4 'Structure model' '_pdbx_struct_conn_angle.ptnr1_auth_seq_id'   
6  4 'Structure model' '_pdbx_struct_conn_angle.ptnr1_label_asym_id' 
7  4 'Structure model' '_pdbx_struct_conn_angle.ptnr1_symmetry'      
8  4 'Structure model' '_pdbx_struct_conn_angle.ptnr3_auth_asym_id'  
9  4 'Structure model' '_pdbx_struct_conn_angle.ptnr3_auth_seq_id'   
10 4 'Structure model' '_pdbx_struct_conn_angle.ptnr3_label_asym_id' 
11 4 'Structure model' '_pdbx_struct_conn_angle.ptnr3_symmetry'      
12 4 'Structure model' '_pdbx_struct_conn_angle.value'               
13 4 'Structure model' '_struct_conn.conn_type_id'                   
14 4 'Structure model' '_struct_conn.id'                             
15 4 'Structure model' '_struct_conn.pdbx_dist_value'                
16 4 'Structure model' '_struct_conn.pdbx_leaving_atom_flag'         
17 4 'Structure model' '_struct_conn.ptnr1_auth_asym_id'             
18 4 'Structure model' '_struct_conn.ptnr1_auth_comp_id'             
19 4 'Structure model' '_struct_conn.ptnr1_label_asym_id'            
20 4 'Structure model' '_struct_conn.ptnr1_label_atom_id'            
21 4 'Structure model' '_struct_conn.ptnr1_label_comp_id'            
22 4 'Structure model' '_struct_conn.ptnr2_auth_asym_id'             
23 4 'Structure model' '_struct_conn.ptnr2_auth_comp_id'             
24 4 'Structure model' '_struct_conn.ptnr2_auth_seq_id'              
25 4 'Structure model' '_struct_conn.ptnr2_label_asym_id'            
26 4 'Structure model' '_struct_conn.ptnr2_label_atom_id'            
27 4 'Structure model' '_struct_conn.ptnr2_label_comp_id'            
28 4 'Structure model' '_struct_conn.ptnr2_label_seq_id'             
29 4 'Structure model' '_struct_conn.ptnr2_symmetry'                 
30 4 'Structure model' '_struct_conn_type.id'                        
# 
_pdbx_database_PDB_obs_spr.id               SPRSDE 
_pdbx_database_PDB_obs_spr.date             2017-02-15 
_pdbx_database_PDB_obs_spr.pdb_id           5LFS 
_pdbx_database_PDB_obs_spr.replace_pdb_id   4IZR 
_pdbx_database_PDB_obs_spr.details          ? 
# 
_pdbx_database_status.status_code                     REL 
_pdbx_database_status.status_code_sf                  REL 
_pdbx_database_status.status_code_mr                  ? 
_pdbx_database_status.entry_id                        5LFS 
_pdbx_database_status.recvd_initial_deposition_date   2016-07-04 
_pdbx_database_status.SG_entry                        N 
_pdbx_database_status.deposit_site                    PDBE 
_pdbx_database_status.process_site                    PDBE 
_pdbx_database_status.status_code_cs                  ? 
_pdbx_database_status.methods_development_category    ? 
_pdbx_database_status.pdb_format_compatible           Y 
_pdbx_database_status.status_code_nmr_data            ? 
# 
loop_
_audit_author.name 
_audit_author.pdbx_ordinal 
_audit_author.identifier_ORCID 
'Hall, J.P.'   1 ? 
'Cardin, C.J.' 2 ? 
# 
_citation.abstract                  ? 
_citation.abstract_id_CAS           ? 
_citation.book_id_ISBN              ? 
_citation.book_publisher            ? 
_citation.book_publisher_city       ? 
_citation.book_title                ? 
_citation.coordinate_linkage        ? 
_citation.country                   GE 
_citation.database_id_Medline       ? 
_citation.details                   ? 
_citation.id                        primary 
_citation.journal_abbrev            Chemistry 
_citation.journal_id_ASTM           ? 
_citation.journal_id_CSD            ? 
_citation.journal_id_ISSN           1521-3765 
_citation.journal_full              ? 
_citation.journal_issue             ? 
_citation.journal_volume            23 
_citation.language                  ? 
_citation.page_first                4981 
_citation.page_last                 4985 
_citation.title                     
'Guanine Can Direct Binding Specificity of Ru-dipyridophenazine (dppz) Complexes to DNA through Steric Effects.' 
_citation.year                      2017 
_citation.database_id_CSD           ? 
_citation.pdbx_database_id_DOI      10.1002/chem.201605508 
_citation.pdbx_database_id_PubMed   28105682 
_citation.unpublished_flag          ? 
# 
loop_
_citation_author.citation_id 
_citation_author.name 
_citation_author.ordinal 
_citation_author.identifier_ORCID 
primary 'Hall, J.P.'    1  ? 
primary 'Gurung, S.P.'  2  ? 
primary 'Henle, J.'     3  ? 
primary 'Poidl, P.'     4  ? 
primary 'Andersson, J.' 5  ? 
primary 'Lincoln, P.'   6  ? 
primary 'Winter, G.'    7  ? 
primary 'Sorensen, T.'  8  ? 
primary 'Cardin, D.J.'  9  ? 
primary 'Brazier, J.A.' 10 ? 
primary 'Cardin, C.J.'  11 ? 
# 
loop_
_entity.id 
_entity.type 
_entity.src_method 
_entity.pdbx_description 
_entity.formula_weight 
_entity.pdbx_number_of_molecules 
_entity.pdbx_ec 
_entity.pdbx_mutation 
_entity.pdbx_fragment 
_entity.details 
1 polymer     syn 
;DNA (5'-D(*GP*CP*CP*G)-3')
;
1191.818 1  ? ? ? ? 
2 polymer     syn 
;DNA (5'-D(*(CBR)P*GP*GP*C)-3')
;
1190.734 1  ? ? ? ? 
3 non-polymer syn 'BARIUM ION'                     137.327  1  ? ? ? ? 
4 non-polymer syn 'Delta-[Ru(bpy)2dppz]2+'         695.737  1  ? ? ? ? 
5 non-polymer syn 'CHLORIDE ION'                   35.453   1  ? ? ? ? 
6 water       nat water                            18.015   53 ? ? ? ? 
# 
loop_
_entity_poly.entity_id 
_entity_poly.type 
_entity_poly.nstd_linkage 
_entity_poly.nstd_monomer 
_entity_poly.pdbx_seq_one_letter_code 
_entity_poly.pdbx_seq_one_letter_code_can 
_entity_poly.pdbx_strand_id 
_entity_poly.pdbx_target_identifier 
1 polydeoxyribonucleotide no no  '(DG)(DC)(DC)(DG)'  GCCG A ? 
2 polydeoxyribonucleotide no yes '(5BT)(DG)(DG)(DC)' XGGC C ? 
# 
loop_
_pdbx_entity_nonpoly.entity_id 
_pdbx_entity_nonpoly.name 
_pdbx_entity_nonpoly.comp_id 
3 'BARIUM ION'             BA  
4 'Delta-[Ru(bpy)2dppz]2+' R1Z 
5 'CHLORIDE ION'           CL  
6 water                    HOH 
# 
loop_
_entity_poly_seq.entity_id 
_entity_poly_seq.num 
_entity_poly_seq.mon_id 
_entity_poly_seq.hetero 
1 1 DG  n 
1 2 DC  n 
1 3 DC  n 
1 4 DG  n 
2 1 5BT n 
2 2 DG  n 
2 3 DG  n 
2 4 DC  n 
# 
loop_
_pdbx_entity_src_syn.entity_id 
_pdbx_entity_src_syn.pdbx_src_id 
_pdbx_entity_src_syn.pdbx_alt_source_flag 
_pdbx_entity_src_syn.pdbx_beg_seq_num 
_pdbx_entity_src_syn.pdbx_end_seq_num 
_pdbx_entity_src_syn.organism_scientific 
_pdbx_entity_src_syn.organism_common_name 
_pdbx_entity_src_syn.ncbi_taxonomy_id 
_pdbx_entity_src_syn.details 
1 1 sample 1 4 'synthetic construct' ? 32630 ? 
2 1 sample 1 4 'synthetic construct' ? 32630 ? 
# 
loop_
_chem_comp.id 
_chem_comp.type 
_chem_comp.mon_nstd_flag 
_chem_comp.name 
_chem_comp.pdbx_synonyms 
_chem_comp.formula 
_chem_comp.formula_weight 
5BT non-polymer   . "5-bromo-2'-deoxycytidine"           "5-bromo-2'-doxy-D-cytidine" 'C9 H12 Br N3 O4' 306.113 
BA  non-polymer   . 'BARIUM ION'                         ?                            'Ba 2'            137.327 
CL  non-polymer   . 'CHLORIDE ION'                       ?                            'Cl -1'           35.453  
DC  'DNA linking' y "2'-DEOXYCYTIDINE-5'-MONOPHOSPHATE"  ?                            'C9 H14 N3 O7 P'  307.197 
DG  'DNA linking' y "2'-DEOXYGUANOSINE-5'-MONOPHOSPHATE" ?                            'C10 H14 N5 O7 P' 347.221 
HOH non-polymer   . WATER                                ?                            'H2 O'            18.015  
R1Z non-polymer   . 'Delta-[Ru(bpy)2dppz]2+'             ?                            'C38 H26 N8 Ru'   695.737 
# 
loop_
_pdbx_poly_seq_scheme.asym_id 
_pdbx_poly_seq_scheme.entity_id 
_pdbx_poly_seq_scheme.seq_id 
_pdbx_poly_seq_scheme.mon_id 
_pdbx_poly_seq_scheme.ndb_seq_num 
_pdbx_poly_seq_scheme.pdb_seq_num 
_pdbx_poly_seq_scheme.auth_seq_num 
_pdbx_poly_seq_scheme.pdb_mon_id 
_pdbx_poly_seq_scheme.auth_mon_id 
_pdbx_poly_seq_scheme.pdb_strand_id 
_pdbx_poly_seq_scheme.pdb_ins_code 
_pdbx_poly_seq_scheme.hetero 
A 1 1 DG  1 1 1 DG  DG  A . n 
A 1 2 DC  2 2 2 DC  DC  A . n 
A 1 3 DC  3 3 3 DC  DC  A . n 
A 1 4 DG  4 4 4 DG  DG  A . n 
B 2 1 5BT 1 1 1 5BT CBR C . n 
B 2 2 DG  2 2 2 DG  DG  C . n 
B 2 3 DG  3 3 3 DG  DG  C . n 
B 2 4 DC  4 4 4 DC  DC  C . n 
# 
loop_
_pdbx_nonpoly_scheme.asym_id 
_pdbx_nonpoly_scheme.entity_id 
_pdbx_nonpoly_scheme.mon_id 
_pdbx_nonpoly_scheme.ndb_seq_num 
_pdbx_nonpoly_scheme.pdb_seq_num 
_pdbx_nonpoly_scheme.auth_seq_num 
_pdbx_nonpoly_scheme.pdb_mon_id 
_pdbx_nonpoly_scheme.auth_mon_id 
_pdbx_nonpoly_scheme.pdb_strand_id 
_pdbx_nonpoly_scheme.pdb_ins_code 
C 3 BA  1  101 1  BA  BA  A . 
D 4 R1Z 1  101 1  R1Z 9ZT C . 
E 5 CL  1  102 1  CL  CL  C . 
F 6 HOH 1  201 6  HOH HOH A . 
F 6 HOH 2  202 13 HOH HOH A . 
F 6 HOH 3  203 43 HOH HOH A . 
F 6 HOH 4  204 77 HOH HOH A . 
F 6 HOH 5  205 19 HOH HOH A . 
F 6 HOH 6  206 74 HOH HOH A . 
F 6 HOH 7  207 84 HOH HOH A . 
F 6 HOH 8  208 36 HOH HOH A . 
F 6 HOH 9  209 23 HOH HOH A . 
F 6 HOH 10 210 69 HOH HOH A . 
F 6 HOH 11 211 82 HOH HOH A . 
F 6 HOH 12 212 85 HOH HOH A . 
F 6 HOH 13 213 26 HOH HOH A . 
F 6 HOH 14 214 86 HOH HOH A . 
F 6 HOH 15 215 50 HOH HOH A . 
F 6 HOH 16 216 73 HOH HOH A . 
F 6 HOH 17 217 83 HOH HOH A . 
F 6 HOH 18 218 80 HOH HOH A . 
F 6 HOH 19 219 76 HOH HOH A . 
F 6 HOH 20 220 68 HOH HOH A . 
G 6 HOH 1  201 34 HOH HOH C . 
G 6 HOH 2  202 15 HOH HOH C . 
G 6 HOH 3  203 25 HOH HOH C . 
G 6 HOH 4  204 7  HOH HOH C . 
G 6 HOH 5  205 42 HOH HOH C . 
G 6 HOH 6  206 12 HOH HOH C . 
G 6 HOH 7  207 9  HOH HOH C . 
G 6 HOH 8  208 40 HOH HOH C . 
G 6 HOH 9  209 46 HOH HOH C . 
G 6 HOH 10 210 54 HOH HOH C . 
G 6 HOH 11 211 24 HOH HOH C . 
G 6 HOH 12 212 16 HOH HOH C . 
G 6 HOH 13 213 11 HOH HOH C . 
G 6 HOH 14 214 81 HOH HOH C . 
G 6 HOH 15 215 14 HOH HOH C . 
G 6 HOH 16 216 10 HOH HOH C . 
G 6 HOH 17 217 3  HOH HOH C . 
G 6 HOH 18 218 21 HOH HOH C . 
G 6 HOH 19 219 4  HOH HOH C . 
G 6 HOH 20 220 32 HOH HOH C . 
G 6 HOH 21 221 18 HOH HOH C . 
G 6 HOH 22 222 33 HOH HOH C . 
G 6 HOH 23 223 78 HOH HOH C . 
G 6 HOH 24 224 17 HOH HOH C . 
G 6 HOH 25 225 72 HOH HOH C . 
G 6 HOH 26 226 5  HOH HOH C . 
G 6 HOH 27 227 37 HOH HOH C . 
G 6 HOH 28 228 22 HOH HOH C . 
G 6 HOH 29 229 71 HOH HOH C . 
G 6 HOH 30 230 38 HOH HOH C . 
G 6 HOH 31 231 8  HOH HOH C . 
G 6 HOH 32 232 47 HOH HOH C . 
G 6 HOH 33 233 79 HOH HOH C . 
# 
loop_
_software.citation_id 
_software.classification 
_software.compiler_name 
_software.compiler_version 
_software.contact_author 
_software.contact_author_email 
_software.date 
_software.description 
_software.dependencies 
_software.hardware 
_software.language 
_software.location 
_software.mods 
_software.name 
_software.os 
_software.os_version 
_software.type 
_software.version 
_software.pdbx_ordinal 
? refinement       ? ? ? ? ? ? ? ? ? ? ? REFMAC  ? ? ? 5.8.0135 1 
? 'data reduction' ? ? ? ? ? ? ? ? ? ? ? XDS     ? ? ? .        2 
? 'data scaling'   ? ? ? ? ? ? ? ? ? ? ? Aimless ? ? ? .        3 
? phasing          ? ? ? ? ? ? ? ? ? ? ? SHELXCD ? ? ? .        4 
? 'data reduction' ? ? ? ? ? ? ? ? ? ? ? xia2    ? ? ? .        5 
# 
_cell.angle_alpha                  90.00 
_cell.angle_alpha_esd              ? 
_cell.angle_beta                   90.00 
_cell.angle_beta_esd               ? 
_cell.angle_gamma                  120.00 
_cell.angle_gamma_esd              ? 
_cell.entry_id                     5LFS 
_cell.details                      ? 
_cell.formula_units_Z              ? 
_cell.length_a                     66.900 
_cell.length_a_esd                 ? 
_cell.length_b                     66.900 
_cell.length_b_esd                 ? 
_cell.length_c                     36.020 
_cell.length_c_esd                 ? 
_cell.volume                       ? 
_cell.volume_esd                   ? 
_cell.Z_PDB                        12 
_cell.reciprocal_angle_alpha       ? 
_cell.reciprocal_angle_beta        ? 
_cell.reciprocal_angle_gamma       ? 
_cell.reciprocal_angle_alpha_esd   ? 
_cell.reciprocal_angle_beta_esd    ? 
_cell.reciprocal_angle_gamma_esd   ? 
_cell.reciprocal_length_a          ? 
_cell.reciprocal_length_b          ? 
_cell.reciprocal_length_c          ? 
_cell.reciprocal_length_a_esd      ? 
_cell.reciprocal_length_b_esd      ? 
_cell.reciprocal_length_c_esd      ? 
_cell.pdbx_unique_axis             ? 
# 
_symmetry.entry_id                         5LFS 
_symmetry.cell_setting                     ? 
_symmetry.Int_Tables_number                181 
_symmetry.space_group_name_Hall            ? 
_symmetry.space_group_name_H-M             'P 64 2 2' 
_symmetry.pdbx_full_space_group_name_H-M   ? 
# 
_exptl.absorpt_coefficient_mu     ? 
_exptl.absorpt_correction_T_max   ? 
_exptl.absorpt_correction_T_min   ? 
_exptl.absorpt_correction_type    ? 
_exptl.absorpt_process_details    ? 
_exptl.entry_id                   5LFS 
_exptl.crystals_number            1 
_exptl.details                    ? 
_exptl.method                     'X-RAY DIFFRACTION' 
_exptl.method_details             ? 
# 
_exptl_crystal.colour                      ? 
_exptl_crystal.density_diffrn              ? 
_exptl_crystal.density_Matthews            4.88 
_exptl_crystal.density_method              ? 
_exptl_crystal.density_percent_sol         74.81 
_exptl_crystal.description                 ? 
_exptl_crystal.F_000                       ? 
_exptl_crystal.id                          1 
_exptl_crystal.preparation                 ? 
_exptl_crystal.size_max                    ? 
_exptl_crystal.size_mid                    ? 
_exptl_crystal.size_min                    ? 
_exptl_crystal.size_rad                    ? 
_exptl_crystal.colour_lustre               ? 
_exptl_crystal.colour_modifier             ? 
_exptl_crystal.colour_primary              ? 
_exptl_crystal.density_meas                ? 
_exptl_crystal.density_meas_esd            ? 
_exptl_crystal.density_meas_gt             ? 
_exptl_crystal.density_meas_lt             ? 
_exptl_crystal.density_meas_temp           ? 
_exptl_crystal.density_meas_temp_esd       ? 
_exptl_crystal.density_meas_temp_gt        ? 
_exptl_crystal.density_meas_temp_lt        ? 
_exptl_crystal.pdbx_crystal_image_url      ? 
_exptl_crystal.pdbx_crystal_image_format   ? 
_exptl_crystal.pdbx_mosaicity              ? 
_exptl_crystal.pdbx_mosaicity_esd          ? 
# 
_exptl_crystal_grow.apparatus       ? 
_exptl_crystal_grow.atmosphere      ? 
_exptl_crystal_grow.crystal_id      1 
_exptl_crystal_grow.details         ? 
_exptl_crystal_grow.method          'VAPOR DIFFUSION, SITTING DROP' 
_exptl_crystal_grow.method_ref      ? 
_exptl_crystal_grow.pH              ? 
_exptl_crystal_grow.pressure        ? 
_exptl_crystal_grow.pressure_esd    ? 
_exptl_crystal_grow.seeding         ? 
_exptl_crystal_grow.seeding_ref     ? 
_exptl_crystal_grow.temp            291 
_exptl_crystal_grow.temp_details    ? 
_exptl_crystal_grow.temp_esd        ? 
_exptl_crystal_grow.time            ? 
_exptl_crystal_grow.pdbx_details    
;1uL 4mM Lambda-[Ru(bpy)2(dppz)]2+, 1uL 2mM oligonucleotide (single stranded), 6uL 40mM Na-cacodylate, 12mM spermine, 20mM BaCl2, 80mM KCl, 10% MPD. Equilibrated against 35% MPD.
;
_exptl_crystal_grow.pdbx_pH_range   ? 
# 
_diffrn.ambient_environment    ? 
_diffrn.ambient_temp           100 
_diffrn.ambient_temp_details   ? 
_diffrn.ambient_temp_esd       ? 
_diffrn.crystal_id             1 
_diffrn.crystal_support        ? 
_diffrn.crystal_treatment      ? 
_diffrn.details                ? 
_diffrn.id                     1 
_diffrn.ambient_pressure       ? 
_diffrn.ambient_pressure_esd   ? 
_diffrn.ambient_pressure_gt    ? 
_diffrn.ambient_pressure_lt    ? 
_diffrn.ambient_temp_gt        ? 
_diffrn.ambient_temp_lt        ? 
# 
_diffrn_detector.details                      ? 
_diffrn_detector.detector                     PIXEL 
_diffrn_detector.diffrn_id                    1 
_diffrn_detector.type                         'DECTRIS PILATUS 6M-F' 
_diffrn_detector.area_resol_mean              ? 
_diffrn_detector.dtime                        ? 
_diffrn_detector.pdbx_frames_total            ? 
_diffrn_detector.pdbx_collection_time_total   ? 
_diffrn_detector.pdbx_collection_date         2012-10-07 
# 
_diffrn_radiation.collimation                      ? 
_diffrn_radiation.diffrn_id                        1 
_diffrn_radiation.filter_edge                      ? 
_diffrn_radiation.inhomogeneity                    ? 
_diffrn_radiation.monochromator                    ? 
_diffrn_radiation.polarisn_norm                    ? 
_diffrn_radiation.polarisn_ratio                   ? 
_diffrn_radiation.probe                            ? 
_diffrn_radiation.type                             ? 
_diffrn_radiation.xray_symbol                      ? 
_diffrn_radiation.wavelength_id                    1 
_diffrn_radiation.pdbx_monochromatic_or_laue_m_l   M 
_diffrn_radiation.pdbx_wavelength_list             ? 
_diffrn_radiation.pdbx_wavelength                  ? 
_diffrn_radiation.pdbx_diffrn_protocol             'SINGLE WAVELENGTH' 
_diffrn_radiation.pdbx_analyzer                    ? 
_diffrn_radiation.pdbx_scattering_type             x-ray 
# 
_diffrn_radiation_wavelength.id           1 
_diffrn_radiation_wavelength.wavelength   1.7712 
_diffrn_radiation_wavelength.wt           1.0 
# 
_diffrn_source.current                     ? 
_diffrn_source.details                     ? 
_diffrn_source.diffrn_id                   1 
_diffrn_source.power                       ? 
_diffrn_source.size                        ? 
_diffrn_source.source                      SYNCHROTRON 
_diffrn_source.target                      ? 
_diffrn_source.type                        'DIAMOND BEAMLINE I02' 
_diffrn_source.voltage                     ? 
_diffrn_source.take-off_angle              ? 
_diffrn_source.pdbx_wavelength_list        1.7712 
_diffrn_source.pdbx_wavelength             ? 
_diffrn_source.pdbx_synchrotron_beamline   I02 
_diffrn_source.pdbx_synchrotron_site       Diamond 
# 
_reflns.B_iso_Wilson_estimate            ? 
_reflns.entry_id                         5LFS 
_reflns.data_reduction_details           ? 
_reflns.data_reduction_method            ? 
_reflns.d_resolution_high                1.85 
_reflns.d_resolution_low                 21.9 
_reflns.details                          ? 
_reflns.limit_h_max                      ? 
_reflns.limit_h_min                      ? 
_reflns.limit_k_max                      ? 
_reflns.limit_k_min                      ? 
_reflns.limit_l_max                      ? 
_reflns.limit_l_min                      ? 
_reflns.number_all                       ? 
_reflns.number_obs                       4297 
_reflns.observed_criterion               ? 
_reflns.observed_criterion_F_max         ? 
_reflns.observed_criterion_F_min         ? 
_reflns.observed_criterion_I_max         ? 
_reflns.observed_criterion_I_min         ? 
_reflns.observed_criterion_sigma_F       -3 
_reflns.observed_criterion_sigma_I       ? 
_reflns.percent_possible_obs             98.1 
_reflns.R_free_details                   ? 
_reflns.Rmerge_F_all                     ? 
_reflns.Rmerge_F_obs                     ? 
_reflns.Friedel_coverage                 ? 
_reflns.number_gt                        ? 
_reflns.threshold_expression             ? 
_reflns.pdbx_redundancy                  7.3 
_reflns.pdbx_Rmerge_I_obs                0.069 
_reflns.pdbx_Rmerge_I_all                ? 
_reflns.pdbx_Rsym_value                  ? 
_reflns.pdbx_netI_over_av_sigmaI         ? 
_reflns.pdbx_netI_over_sigmaI            13.7 
_reflns.pdbx_res_netI_over_av_sigmaI_2   ? 
_reflns.pdbx_res_netI_over_sigmaI_2      ? 
_reflns.pdbx_chi_squared                 ? 
_reflns.pdbx_scaling_rejects             ? 
_reflns.pdbx_d_res_high_opt              ? 
_reflns.pdbx_d_res_low_opt               ? 
_reflns.pdbx_d_res_opt_method            ? 
_reflns.phase_calculation_details        ? 
_reflns.pdbx_Rrim_I_all                  ? 
_reflns.pdbx_Rpim_I_all                  ? 
_reflns.pdbx_d_opt                       ? 
_reflns.pdbx_number_measured_all         ? 
_reflns.pdbx_diffrn_id                   1 
_reflns.pdbx_ordinal                     1 
_reflns.pdbx_CC_half                     0.998 
_reflns.pdbx_R_split                     ? 
# 
_reflns_shell.d_res_high                  1.85 
_reflns_shell.d_res_low                   1.90 
_reflns_shell.meanI_over_sigI_all         ? 
_reflns_shell.meanI_over_sigI_obs         2.1 
_reflns_shell.number_measured_all         ? 
_reflns_shell.number_measured_obs         ? 
_reflns_shell.number_possible             ? 
_reflns_shell.number_unique_all           ? 
_reflns_shell.number_unique_obs           ? 
_reflns_shell.percent_possible_all        86.4 
_reflns_shell.percent_possible_obs        ? 
_reflns_shell.Rmerge_F_all                ? 
_reflns_shell.Rmerge_F_obs                ? 
_reflns_shell.Rmerge_I_all                ? 
_reflns_shell.Rmerge_I_obs                0.148 
_reflns_shell.meanI_over_sigI_gt          ? 
_reflns_shell.meanI_over_uI_all           ? 
_reflns_shell.meanI_over_uI_gt            ? 
_reflns_shell.number_measured_gt          ? 
_reflns_shell.number_unique_gt            ? 
_reflns_shell.percent_possible_gt         ? 
_reflns_shell.Rmerge_F_gt                 ? 
_reflns_shell.Rmerge_I_gt                 ? 
_reflns_shell.pdbx_redundancy             2 
_reflns_shell.pdbx_Rsym_value             ? 
_reflns_shell.pdbx_chi_squared            ? 
_reflns_shell.pdbx_netI_over_sigmaI_all   ? 
_reflns_shell.pdbx_netI_over_sigmaI_obs   ? 
_reflns_shell.pdbx_Rrim_I_all             ? 
_reflns_shell.pdbx_Rpim_I_all             ? 
_reflns_shell.pdbx_rejects                ? 
_reflns_shell.pdbx_ordinal                1 
_reflns_shell.pdbx_diffrn_id              1 
_reflns_shell.pdbx_CC_half                0.975 
_reflns_shell.pdbx_R_split                ? 
# 
_refine.aniso_B[1][1]                            -2.72 
_refine.aniso_B[1][2]                            -1.36 
_refine.aniso_B[1][3]                            -0.00 
_refine.aniso_B[2][2]                            -2.72 
_refine.aniso_B[2][3]                            0.00 
_refine.aniso_B[3][3]                            8.81 
_refine.B_iso_max                                ? 
_refine.B_iso_mean                               36.680 
_refine.B_iso_min                                ? 
_refine.correlation_coeff_Fo_to_Fc               0.978 
_refine.correlation_coeff_Fo_to_Fc_free          0.972 
_refine.details                                  'HYDROGENS HAVE BEEN ADDED IN THE RIDING POSITIONS' 
_refine.diff_density_max                         ? 
_refine.diff_density_max_esd                     ? 
_refine.diff_density_min                         ? 
_refine.diff_density_min_esd                     ? 
_refine.diff_density_rms                         ? 
_refine.diff_density_rms_esd                     ? 
_refine.entry_id                                 5LFS 
_refine.pdbx_refine_id                           'X-RAY DIFFRACTION' 
_refine.ls_abs_structure_details                 ? 
_refine.ls_abs_structure_Flack                   ? 
_refine.ls_abs_structure_Flack_esd               ? 
_refine.ls_abs_structure_Rogers                  ? 
_refine.ls_abs_structure_Rogers_esd              ? 
_refine.ls_d_res_high                            1.85 
_refine.ls_d_res_low                             21.90 
_refine.ls_extinction_coef                       ? 
_refine.ls_extinction_coef_esd                   ? 
_refine.ls_extinction_expression                 ? 
_refine.ls_extinction_method                     ? 
_refine.ls_goodness_of_fit_all                   ? 
_refine.ls_goodness_of_fit_all_esd               ? 
_refine.ls_goodness_of_fit_obs                   ? 
_refine.ls_goodness_of_fit_obs_esd               ? 
_refine.ls_hydrogen_treatment                    ? 
_refine.ls_matrix_type                           ? 
_refine.ls_number_constraints                    ? 
_refine.ls_number_parameters                     ? 
_refine.ls_number_reflns_all                     ? 
_refine.ls_number_reflns_obs                     3855 
_refine.ls_number_reflns_R_free                  430 
_refine.ls_number_reflns_R_work                  ? 
_refine.ls_number_restraints                     ? 
_refine.ls_percent_reflns_obs                    98.01 
_refine.ls_percent_reflns_R_free                 10.0 
_refine.ls_R_factor_all                          ? 
_refine.ls_R_factor_obs                          0.17284 
_refine.ls_R_factor_R_free                       0.19224 
_refine.ls_R_factor_R_free_error                 ? 
_refine.ls_R_factor_R_free_error_details         ? 
_refine.ls_R_factor_R_work                       0.17061 
_refine.ls_R_Fsqd_factor_obs                     ? 
_refine.ls_R_I_factor_obs                        ? 
_refine.ls_redundancy_reflns_all                 ? 
_refine.ls_redundancy_reflns_obs                 ? 
_refine.ls_restrained_S_all                      ? 
_refine.ls_restrained_S_obs                      ? 
_refine.ls_shift_over_esd_max                    ? 
_refine.ls_shift_over_esd_mean                   ? 
_refine.ls_structure_factor_coef                 ? 
_refine.ls_weighting_details                     ? 
_refine.ls_weighting_scheme                      ? 
_refine.ls_wR_factor_all                         ? 
_refine.ls_wR_factor_obs                         ? 
_refine.ls_wR_factor_R_free                      ? 
_refine.ls_wR_factor_R_work                      ? 
_refine.occupancy_max                            ? 
_refine.occupancy_min                            ? 
_refine.solvent_model_details                    ? 
_refine.solvent_model_param_bsol                 ? 
_refine.solvent_model_param_ksol                 ? 
_refine.ls_R_factor_gt                           ? 
_refine.ls_goodness_of_fit_gt                    ? 
_refine.ls_goodness_of_fit_ref                   ? 
_refine.ls_shift_over_su_max                     ? 
_refine.ls_shift_over_su_max_lt                  ? 
_refine.ls_shift_over_su_mean                    ? 
_refine.ls_shift_over_su_mean_lt                 ? 
_refine.pdbx_ls_sigma_I                          ? 
_refine.pdbx_ls_sigma_F                          ? 
_refine.pdbx_ls_sigma_Fsqd                       ? 
_refine.pdbx_data_cutoff_high_absF               ? 
_refine.pdbx_data_cutoff_high_rms_absF           ? 
_refine.pdbx_data_cutoff_low_absF                ? 
_refine.pdbx_isotropic_thermal_model             ? 
_refine.pdbx_ls_cross_valid_method               THROUGHOUT 
_refine.pdbx_method_to_determine_struct          SAD 
_refine.pdbx_starting_model                      ? 
_refine.pdbx_stereochemistry_target_values       ? 
_refine.pdbx_R_Free_selection_details            RANDOM 
_refine.pdbx_stereochem_target_val_spec_case     ? 
_refine.pdbx_overall_ESU_R                       0.100 
_refine.pdbx_overall_ESU_R_Free                  0.097 
_refine.pdbx_solvent_vdw_probe_radii             1.20 
_refine.pdbx_solvent_ion_probe_radii             0.80 
_refine.pdbx_solvent_shrinkage_radii             0.80 
_refine.pdbx_real_space_R                        ? 
_refine.pdbx_density_correlation                 ? 
_refine.pdbx_pd_number_of_powder_patterns        ? 
_refine.pdbx_pd_number_of_points                 ? 
_refine.pdbx_pd_meas_number_of_points            ? 
_refine.pdbx_pd_proc_ls_prof_R_factor            ? 
_refine.pdbx_pd_proc_ls_prof_wR_factor           ? 
_refine.pdbx_pd_Marquardt_correlation_coeff      ? 
_refine.pdbx_pd_Fsqrd_R_factor                   ? 
_refine.pdbx_pd_ls_matrix_band_width             ? 
_refine.pdbx_overall_phase_error                 ? 
_refine.pdbx_overall_SU_R_free_Cruickshank_DPI   ? 
_refine.pdbx_overall_SU_R_free_Blow_DPI          ? 
_refine.pdbx_overall_SU_R_Blow_DPI               ? 
_refine.pdbx_TLS_residual_ADP_flag               ? 
_refine.pdbx_diffrn_id                           1 
_refine.overall_SU_B                             2.921 
_refine.overall_SU_ML                            0.077 
_refine.overall_SU_R_Cruickshank_DPI             ? 
_refine.overall_SU_R_free                        ? 
_refine.overall_FOM_free_R_set                   ? 
_refine.overall_FOM_work_R_set                   ? 
_refine.pdbx_average_fsc_overall                 ? 
_refine.pdbx_average_fsc_work                    ? 
_refine.pdbx_average_fsc_free                    ? 
# 
_refine_hist.pdbx_refine_id                   'X-RAY DIFFRACTION' 
_refine_hist.cycle_id                         1 
_refine_hist.pdbx_number_atoms_protein        0 
_refine_hist.pdbx_number_atoms_nucleic_acid   159 
_refine_hist.pdbx_number_atoms_ligand         49 
_refine_hist.number_atoms_solvent             53 
_refine_hist.number_atoms_total               261 
_refine_hist.d_res_high                       1.85 
_refine_hist.d_res_low                        21.90 
# 
loop_
_refine_ls_restr.pdbx_refine_id 
_refine_ls_restr.criterion 
_refine_ls_restr.dev_ideal 
_refine_ls_restr.dev_ideal_target 
_refine_ls_restr.number 
_refine_ls_restr.rejects 
_refine_ls_restr.type 
_refine_ls_restr.weight 
_refine_ls_restr.pdbx_restraint_function 
'X-RAY DIFFRACTION' ? 0.011 0.014  235 ? r_bond_refined_d             ? ? 
'X-RAY DIFFRACTION' ? 0.003 0.020  115 ? r_bond_other_d               ? ? 
'X-RAY DIFFRACTION' ? 2.565 1.761  367 ? r_angle_refined_deg          ? ? 
'X-RAY DIFFRACTION' ? 1.519 3.000  260 ? r_angle_other_deg            ? ? 
'X-RAY DIFFRACTION' ? ?     ?      ?   ? r_dihedral_angle_1_deg       ? ? 
'X-RAY DIFFRACTION' ? ?     ?      ?   ? r_dihedral_angle_2_deg       ? ? 
'X-RAY DIFFRACTION' ? ?     ?      ?   ? r_dihedral_angle_3_deg       ? ? 
'X-RAY DIFFRACTION' ? ?     ?      ?   ? r_dihedral_angle_4_deg       ? ? 
'X-RAY DIFFRACTION' ? 0.077 0.200  24  ? r_chiral_restr               ? ? 
'X-RAY DIFFRACTION' ? 0.022 0.020  146 ? r_gen_planes_refined         ? ? 
'X-RAY DIFFRACTION' ? 0.002 0.020  69  ? r_gen_planes_other           ? ? 
'X-RAY DIFFRACTION' ? ?     ?      ?   ? r_nbd_refined                ? ? 
'X-RAY DIFFRACTION' ? ?     ?      ?   ? r_nbd_other                  ? ? 
'X-RAY DIFFRACTION' ? ?     ?      ?   ? r_nbtor_refined              ? ? 
'X-RAY DIFFRACTION' ? ?     ?      ?   ? r_nbtor_other                ? ? 
'X-RAY DIFFRACTION' ? ?     ?      ?   ? r_xyhbond_nbd_refined        ? ? 
'X-RAY DIFFRACTION' ? ?     ?      ?   ? r_xyhbond_nbd_other          ? ? 
'X-RAY DIFFRACTION' ? ?     ?      ?   ? r_metal_ion_refined          ? ? 
'X-RAY DIFFRACTION' ? ?     ?      ?   ? r_metal_ion_other            ? ? 
'X-RAY DIFFRACTION' ? ?     ?      ?   ? r_symmetry_vdw_refined       ? ? 
'X-RAY DIFFRACTION' ? ?     ?      ?   ? r_symmetry_vdw_other         ? ? 
'X-RAY DIFFRACTION' ? ?     ?      ?   ? r_symmetry_hbond_refined     ? ? 
'X-RAY DIFFRACTION' ? ?     ?      ?   ? r_symmetry_hbond_other       ? ? 
'X-RAY DIFFRACTION' ? ?     ?      ?   ? r_symmetry_metal_ion_refined ? ? 
'X-RAY DIFFRACTION' ? ?     ?      ?   ? r_symmetry_metal_ion_other   ? ? 
'X-RAY DIFFRACTION' ? ?     ?      ?   ? r_mcbond_it                  ? ? 
'X-RAY DIFFRACTION' ? ?     ?      ?   ? r_mcbond_other               ? ? 
'X-RAY DIFFRACTION' ? ?     ?      ?   ? r_mcangle_it                 ? ? 
'X-RAY DIFFRACTION' ? ?     ?      ?   ? r_mcangle_other              ? ? 
'X-RAY DIFFRACTION' ? 2.150 3.543  234 ? r_scbond_it                  ? ? 
'X-RAY DIFFRACTION' ? 2.145 3.541  235 ? r_scbond_other               ? ? 
'X-RAY DIFFRACTION' ? ?     ?      ?   ? r_scangle_it                 ? ? 
'X-RAY DIFFRACTION' ? 2.831 5.286  368 ? r_scangle_other              ? ? 
'X-RAY DIFFRACTION' ? 5.346 40.715 575 ? r_long_range_B_refined       ? ? 
'X-RAY DIFFRACTION' ? 5.275 40.582 551 ? r_long_range_B_other         ? ? 
'X-RAY DIFFRACTION' ? ?     ?      ?   ? r_rigid_bond_restr           ? ? 
'X-RAY DIFFRACTION' ? ?     ?      ?   ? r_sphericity_free            ? ? 
'X-RAY DIFFRACTION' ? ?     ?      ?   ? r_sphericity_bonded          ? ? 
# 
_refine_ls_shell.pdbx_refine_id                   'X-RAY DIFFRACTION' 
_refine_ls_shell.d_res_high                       1.851 
_refine_ls_shell.d_res_low                        1.899 
_refine_ls_shell.number_reflns_all                ? 
_refine_ls_shell.number_reflns_obs                ? 
_refine_ls_shell.number_reflns_R_free             27 
_refine_ls_shell.number_reflns_R_work             243 
_refine_ls_shell.percent_reflns_obs               85.71 
_refine_ls_shell.percent_reflns_R_free            ? 
_refine_ls_shell.R_factor_all                     ? 
_refine_ls_shell.R_factor_obs                     ? 
_refine_ls_shell.R_factor_R_free                  0.325 
_refine_ls_shell.R_factor_R_free_error            ? 
_refine_ls_shell.R_factor_R_work                  0.312 
_refine_ls_shell.redundancy_reflns_all            ? 
_refine_ls_shell.redundancy_reflns_obs            ? 
_refine_ls_shell.wR_factor_all                    ? 
_refine_ls_shell.wR_factor_obs                    ? 
_refine_ls_shell.wR_factor_R_free                 ? 
_refine_ls_shell.wR_factor_R_work                 ? 
_refine_ls_shell.pdbx_total_number_of_bins_used   20 
_refine_ls_shell.pdbx_phase_error                 ? 
_refine_ls_shell.pdbx_fsc_work                    ? 
_refine_ls_shell.pdbx_fsc_free                    ? 
# 
_struct.entry_id                     5LFS 
_struct.title                        'Lambda-[Ru(bpy)2(dppz)]2+ bound to brominated DNA' 
_struct.pdbx_model_details           ? 
_struct.pdbx_formula_weight          ? 
_struct.pdbx_formula_weight_method   ? 
_struct.pdbx_model_type_details      ? 
_struct.pdbx_CASP_flag               N 
# 
_struct_keywords.entry_id        5LFS 
_struct_keywords.text            'DNA, ruthenium, intercalation, light-switch' 
_struct_keywords.pdbx_keywords   DNA 
# 
loop_
_struct_asym.id 
_struct_asym.pdbx_blank_PDB_chainid_flag 
_struct_asym.pdbx_modified 
_struct_asym.entity_id 
_struct_asym.details 
A N N 1 ? 
B N N 2 ? 
C N N 3 ? 
D N N 4 ? 
E N N 5 ? 
F N N 6 ? 
G N N 6 ? 
# 
loop_
_struct_ref.id 
_struct_ref.db_name 
_struct_ref.db_code 
_struct_ref.pdbx_db_accession 
_struct_ref.pdbx_db_isoform 
_struct_ref.entity_id 
_struct_ref.pdbx_seq_one_letter_code 
_struct_ref.pdbx_align_begin 
1 PDB 5LFS 5LFS ? 1 ? 1 
2 PDB 5LFS 5LFS ? 2 ? 1 
# 
loop_
_struct_ref_seq.align_id 
_struct_ref_seq.ref_id 
_struct_ref_seq.pdbx_PDB_id_code 
_struct_ref_seq.pdbx_strand_id 
_struct_ref_seq.seq_align_beg 
_struct_ref_seq.pdbx_seq_align_beg_ins_code 
_struct_ref_seq.seq_align_end 
_struct_ref_seq.pdbx_seq_align_end_ins_code 
_struct_ref_seq.pdbx_db_accession 
_struct_ref_seq.db_align_beg 
_struct_ref_seq.pdbx_db_align_beg_ins_code 
_struct_ref_seq.db_align_end 
_struct_ref_seq.pdbx_db_align_end_ins_code 
_struct_ref_seq.pdbx_auth_seq_align_beg 
_struct_ref_seq.pdbx_auth_seq_align_end 
1 1 5LFS A 1 ? 4 ? 5LFS 1 ? 4 ? 1 4 
2 2 5LFS C 1 ? 4 ? 5LFS 1 ? 4 ? 1 4 
# 
_pdbx_struct_assembly.id                   1 
_pdbx_struct_assembly.details              author_and_software_defined_assembly 
_pdbx_struct_assembly.method_details       PISA 
_pdbx_struct_assembly.oligomeric_details   dimeric 
_pdbx_struct_assembly.oligomeric_count     2 
# 
loop_
_pdbx_struct_assembly_prop.biol_id 
_pdbx_struct_assembly_prop.type 
_pdbx_struct_assembly_prop.value 
_pdbx_struct_assembly_prop.details 
1 'ABSA (A^2)' 1050 ? 
1 MORE         -16  ? 
1 'SSA (A^2)'  2020 ? 
# 
_pdbx_struct_assembly_gen.assembly_id       1 
_pdbx_struct_assembly_gen.oper_expression   1 
_pdbx_struct_assembly_gen.asym_id_list      A,B,C,D,E,F,G 
# 
_pdbx_struct_oper_list.id                   1 
_pdbx_struct_oper_list.type                 'identity operation' 
_pdbx_struct_oper_list.name                 1_555 
_pdbx_struct_oper_list.symmetry_operation   x,y,z 
_pdbx_struct_oper_list.matrix[1][1]         1.0000000000 
_pdbx_struct_oper_list.matrix[1][2]         0.0000000000 
_pdbx_struct_oper_list.matrix[1][3]         0.0000000000 
_pdbx_struct_oper_list.vector[1]            0.0000000000 
_pdbx_struct_oper_list.matrix[2][1]         0.0000000000 
_pdbx_struct_oper_list.matrix[2][2]         1.0000000000 
_pdbx_struct_oper_list.matrix[2][3]         0.0000000000 
_pdbx_struct_oper_list.vector[2]            0.0000000000 
_pdbx_struct_oper_list.matrix[3][1]         0.0000000000 
_pdbx_struct_oper_list.matrix[3][2]         0.0000000000 
_pdbx_struct_oper_list.matrix[3][3]         1.0000000000 
_pdbx_struct_oper_list.vector[3]            0.0000000000 
# 
loop_
_struct_conn.id 
_struct_conn.conn_type_id 
_struct_conn.pdbx_leaving_atom_flag 
_struct_conn.pdbx_PDB_id 
_struct_conn.ptnr1_label_asym_id 
_struct_conn.ptnr1_label_comp_id 
_struct_conn.ptnr1_label_seq_id 
_struct_conn.ptnr1_label_atom_id 
_struct_conn.pdbx_ptnr1_label_alt_id 
_struct_conn.pdbx_ptnr1_PDB_ins_code 
_struct_conn.pdbx_ptnr1_standard_comp_id 
_struct_conn.ptnr1_symmetry 
_struct_conn.ptnr2_label_asym_id 
_struct_conn.ptnr2_label_comp_id 
_struct_conn.ptnr2_label_seq_id 
_struct_conn.ptnr2_label_atom_id 
_struct_conn.pdbx_ptnr2_label_alt_id 
_struct_conn.pdbx_ptnr2_PDB_ins_code 
_struct_conn.ptnr1_auth_asym_id 
_struct_conn.ptnr1_auth_comp_id 
_struct_conn.ptnr1_auth_seq_id 
_struct_conn.ptnr2_auth_asym_id 
_struct_conn.ptnr2_auth_comp_id 
_struct_conn.ptnr2_auth_seq_id 
_struct_conn.ptnr2_symmetry 
_struct_conn.pdbx_ptnr3_label_atom_id 
_struct_conn.pdbx_ptnr3_label_seq_id 
_struct_conn.pdbx_ptnr3_label_comp_id 
_struct_conn.pdbx_ptnr3_label_asym_id 
_struct_conn.pdbx_ptnr3_label_alt_id 
_struct_conn.pdbx_ptnr3_PDB_ins_code 
_struct_conn.details 
_struct_conn.pdbx_dist_value 
_struct_conn.pdbx_value_order 
_struct_conn.pdbx_role 
covale1 covale one ? B 5BT 1 "O3'" ? ? ? 1_555 B DG  2 P  ? ? C 5BT 1   C DG  2   1_555  ? ? ? ? ? ? ?            1.583 ? ? 
metalc1 metalc ?   ? A DG  1 O6    ? ? ? 1_555 C BA  . BA ? ? A DG  1   A BA  101 1_555  ? ? ? ? ? ? ?            2.938 ? ? 
metalc2 metalc ?   ? C BA  . BA    ? ? ? 1_555 F HOH . O  ? ? A BA  101 A HOH 210 1_555  ? ? ? ? ? ? ?            2.717 ? ? 
metalc3 metalc ?   ? C BA  . BA    ? ? ? 1_555 G HOH . O  ? ? A BA  101 C HOH 212 10_665 ? ? ? ? ? ? ?            3.279 ? ? 
metalc4 metalc ?   ? C BA  . BA    ? ? ? 1_555 G HOH . O  ? ? A BA  101 C HOH 215 1_555  ? ? ? ? ? ? ?            3.168 ? ? 
hydrog1 hydrog ?   ? A DG  1 N1    ? ? ? 1_555 B DC  4 N3 ? ? A DG  1   C DC  4   1_555  ? ? ? ? ? ? WATSON-CRICK ?     ? ? 
hydrog2 hydrog ?   ? A DG  1 N2    ? ? ? 1_555 B DC  4 O2 ? ? A DG  1   C DC  4   1_555  ? ? ? ? ? ? WATSON-CRICK ?     ? ? 
hydrog3 hydrog ?   ? A DG  1 O6    ? ? ? 1_555 B DC  4 N4 ? ? A DG  1   C DC  4   1_555  ? ? ? ? ? ? WATSON-CRICK ?     ? ? 
hydrog4 hydrog ?   ? A DC  2 N3    ? ? ? 1_555 B DG  3 N1 ? ? A DC  2   C DG  3   1_555  ? ? ? ? ? ? WATSON-CRICK ?     ? ? 
hydrog5 hydrog ?   ? A DC  2 N4    ? ? ? 1_555 B DG  3 O6 ? ? A DC  2   C DG  3   1_555  ? ? ? ? ? ? WATSON-CRICK ?     ? ? 
hydrog6 hydrog ?   ? A DC  2 O2    ? ? ? 1_555 B DG  3 N2 ? ? A DC  2   C DG  3   1_555  ? ? ? ? ? ? WATSON-CRICK ?     ? ? 
hydrog7 hydrog ?   ? A DC  3 N3    ? ? ? 1_555 B DG  2 N1 ? ? A DC  3   C DG  2   1_555  ? ? ? ? ? ? WATSON-CRICK ?     ? ? 
hydrog8 hydrog ?   ? A DC  3 N4    ? ? ? 1_555 B DG  2 O6 ? ? A DC  3   C DG  2   1_555  ? ? ? ? ? ? WATSON-CRICK ?     ? ? 
hydrog9 hydrog ?   ? A DC  3 O2    ? ? ? 1_555 B DG  2 N2 ? ? A DC  3   C DG  2   1_555  ? ? ? ? ? ? WATSON-CRICK ?     ? ? 
# 
loop_
_struct_conn_type.id 
_struct_conn_type.criteria 
_struct_conn_type.reference 
covale ? ? 
metalc ? ? 
hydrog ? ? 
# 
loop_
_pdbx_struct_conn_angle.id 
_pdbx_struct_conn_angle.ptnr1_label_atom_id 
_pdbx_struct_conn_angle.ptnr1_label_alt_id 
_pdbx_struct_conn_angle.ptnr1_label_asym_id 
_pdbx_struct_conn_angle.ptnr1_label_comp_id 
_pdbx_struct_conn_angle.ptnr1_label_seq_id 
_pdbx_struct_conn_angle.ptnr1_auth_atom_id 
_pdbx_struct_conn_angle.ptnr1_auth_asym_id 
_pdbx_struct_conn_angle.ptnr1_auth_comp_id 
_pdbx_struct_conn_angle.ptnr1_auth_seq_id 
_pdbx_struct_conn_angle.ptnr1_PDB_ins_code 
_pdbx_struct_conn_angle.ptnr1_symmetry 
_pdbx_struct_conn_angle.ptnr2_label_atom_id 
_pdbx_struct_conn_angle.ptnr2_label_alt_id 
_pdbx_struct_conn_angle.ptnr2_label_asym_id 
_pdbx_struct_conn_angle.ptnr2_label_comp_id 
_pdbx_struct_conn_angle.ptnr2_label_seq_id 
_pdbx_struct_conn_angle.ptnr2_auth_atom_id 
_pdbx_struct_conn_angle.ptnr2_auth_asym_id 
_pdbx_struct_conn_angle.ptnr2_auth_comp_id 
_pdbx_struct_conn_angle.ptnr2_auth_seq_id 
_pdbx_struct_conn_angle.ptnr2_PDB_ins_code 
_pdbx_struct_conn_angle.ptnr2_symmetry 
_pdbx_struct_conn_angle.ptnr3_label_atom_id 
_pdbx_struct_conn_angle.ptnr3_label_alt_id 
_pdbx_struct_conn_angle.ptnr3_label_asym_id 
_pdbx_struct_conn_angle.ptnr3_label_comp_id 
_pdbx_struct_conn_angle.ptnr3_label_seq_id 
_pdbx_struct_conn_angle.ptnr3_auth_atom_id 
_pdbx_struct_conn_angle.ptnr3_auth_asym_id 
_pdbx_struct_conn_angle.ptnr3_auth_comp_id 
_pdbx_struct_conn_angle.ptnr3_auth_seq_id 
_pdbx_struct_conn_angle.ptnr3_PDB_ins_code 
_pdbx_struct_conn_angle.ptnr3_symmetry 
_pdbx_struct_conn_angle.value 
_pdbx_struct_conn_angle.value_esd 
1 O6 ? A DG  1 ? A DG  1   ? 1_555  BA ? C BA . ? A BA 101 ? 1_555 O ? F HOH . ? A HOH 210 ? 1_555  113.3 ? 
2 O6 ? A DG  1 ? A DG  1   ? 1_555  BA ? C BA . ? A BA 101 ? 1_555 O ? G HOH . ? C HOH 212 ? 10_665 97.2  ? 
3 O  ? F HOH . ? A HOH 210 ? 1_555  BA ? C BA . ? A BA 101 ? 1_555 O ? G HOH . ? C HOH 212 ? 10_665 82.9  ? 
4 O6 ? A DG  1 ? A DG  1   ? 1_555  BA ? C BA . ? A BA 101 ? 1_555 O ? G HOH . ? C HOH 215 ? 1_555  70.8  ? 
5 O  ? F HOH . ? A HOH 210 ? 1_555  BA ? C BA . ? A BA 101 ? 1_555 O ? G HOH . ? C HOH 215 ? 1_555  96.8  ? 
6 O  ? G HOH . ? C HOH 212 ? 10_665 BA ? C BA . ? A BA 101 ? 1_555 O ? G HOH . ? C HOH 215 ? 1_555  166.9 ? 
# 
loop_
_struct_site.id 
_struct_site.pdbx_evidence_code 
_struct_site.pdbx_auth_asym_id 
_struct_site.pdbx_auth_comp_id 
_struct_site.pdbx_auth_seq_id 
_struct_site.pdbx_auth_ins_code 
_struct_site.pdbx_num_residues 
_struct_site.details 
AC1 Software A BA  101 ? 2 'binding site for residue BA A 101'  
AC2 Software C R1Z 101 ? 8 'binding site for residue R1Z C 101' 
# 
loop_
_struct_site_gen.id 
_struct_site_gen.site_id 
_struct_site_gen.pdbx_num_res 
_struct_site_gen.label_comp_id 
_struct_site_gen.label_asym_id 
_struct_site_gen.label_seq_id 
_struct_site_gen.pdbx_auth_ins_code 
_struct_site_gen.auth_comp_id 
_struct_site_gen.auth_asym_id 
_struct_site_gen.auth_seq_id 
_struct_site_gen.label_atom_id 
_struct_site_gen.label_alt_id 
_struct_site_gen.symmetry 
_struct_site_gen.details 
1  AC1 2 DG  A 1 ? DG  A 1   . ? 1_555  ? 
2  AC1 2 HOH F . ? HOH A 210 . ? 1_555  ? 
3  AC2 8 DC  A 3 ? DC  A 3   . ? 1_555  ? 
4  AC2 8 DG  A 4 ? DG  A 4   . ? 1_555  ? 
5  AC2 8 5BT B 1 ? 5BT C 1   . ? 1_555  ? 
6  AC2 8 5BT B 1 ? 5BT C 1   . ? 4_675  ? 
7  AC2 8 DG  B 2 ? DG  C 2   . ? 1_555  ? 
8  AC2 8 DG  B 3 ? DG  C 3   . ? 1_555  ? 
9  AC2 8 DG  B 3 ? DG  C 3   . ? 11_555 ? 
10 AC2 8 HOH G . ? HOH C 222 . ? 1_555  ? 
# 
_pdbx_validate_symm_contact.id                1 
_pdbx_validate_symm_contact.PDB_model_num     1 
_pdbx_validate_symm_contact.auth_atom_id_1    O 
_pdbx_validate_symm_contact.auth_asym_id_1    C 
_pdbx_validate_symm_contact.auth_comp_id_1    HOH 
_pdbx_validate_symm_contact.auth_seq_id_1     233 
_pdbx_validate_symm_contact.PDB_ins_code_1    ? 
_pdbx_validate_symm_contact.label_alt_id_1    ? 
_pdbx_validate_symm_contact.site_symmetry_1   1_555 
_pdbx_validate_symm_contact.auth_atom_id_2    O 
_pdbx_validate_symm_contact.auth_asym_id_2    C 
_pdbx_validate_symm_contact.auth_comp_id_2    HOH 
_pdbx_validate_symm_contact.auth_seq_id_2     233 
_pdbx_validate_symm_contact.PDB_ins_code_2    ? 
_pdbx_validate_symm_contact.label_alt_id_2    ? 
_pdbx_validate_symm_contact.site_symmetry_2   8_676 
_pdbx_validate_symm_contact.dist              1.11 
# 
loop_
_pdbx_struct_special_symmetry.id 
_pdbx_struct_special_symmetry.PDB_model_num 
_pdbx_struct_special_symmetry.auth_asym_id 
_pdbx_struct_special_symmetry.auth_comp_id 
_pdbx_struct_special_symmetry.auth_seq_id 
_pdbx_struct_special_symmetry.PDB_ins_code 
_pdbx_struct_special_symmetry.label_asym_id 
_pdbx_struct_special_symmetry.label_comp_id 
_pdbx_struct_special_symmetry.label_seq_id 
1 1 C CL  102 ? E CL  . 
2 1 C HOH 206 ? G HOH . 
# 
_pdbx_distant_solvent_atoms.id                                1 
_pdbx_distant_solvent_atoms.PDB_model_num                     1 
_pdbx_distant_solvent_atoms.auth_atom_id                      O 
_pdbx_distant_solvent_atoms.label_alt_id                      ? 
_pdbx_distant_solvent_atoms.auth_asym_id                      C 
_pdbx_distant_solvent_atoms.auth_comp_id                      HOH 
_pdbx_distant_solvent_atoms.auth_seq_id                       233 
_pdbx_distant_solvent_atoms.PDB_ins_code                      ? 
_pdbx_distant_solvent_atoms.neighbor_macromolecule_distance   6.24 
_pdbx_distant_solvent_atoms.neighbor_ligand_distance          . 
# 
loop_
_chem_comp_atom.comp_id 
_chem_comp_atom.atom_id 
_chem_comp_atom.type_symbol 
_chem_comp_atom.pdbx_aromatic_flag 
_chem_comp_atom.pdbx_stereo_config 
_chem_comp_atom.pdbx_ordinal 
5BT N1     N  N N 1   
5BT C2     C  N N 2   
5BT O2     O  N N 3   
5BT N3     N  N N 4   
5BT C4     C  N N 5   
5BT N4     N  N N 6   
5BT C5     C  N N 7   
5BT BR5    BR N N 8   
5BT C6     C  N N 9   
5BT "C1'"  C  N R 10  
5BT "C2'"  C  N N 11  
5BT "C3'"  C  N S 12  
5BT "O3'"  O  N N 13  
5BT "C4'"  C  N R 14  
5BT "O4'"  O  N N 15  
5BT "C5'"  C  N N 16  
5BT "O5'"  O  N N 17  
5BT HN4    H  N N 18  
5BT HN4A   H  N N 19  
5BT H6     H  N N 20  
5BT "H1'"  H  N N 21  
5BT "H2'"  H  N N 22  
5BT "H2'A" H  N N 23  
5BT "H3'"  H  N N 24  
5BT "HO3'" H  N N 25  
5BT "H4'"  H  N N 26  
5BT "H5'"  H  N N 27  
5BT "H5'A" H  N N 28  
5BT "HO5'" H  N N 29  
BA  BA     BA N N 30  
CL  CL     CL N N 31  
DC  OP3    O  N N 32  
DC  P      P  N N 33  
DC  OP1    O  N N 34  
DC  OP2    O  N N 35  
DC  "O5'"  O  N N 36  
DC  "C5'"  C  N N 37  
DC  "C4'"  C  N R 38  
DC  "O4'"  O  N N 39  
DC  "C3'"  C  N S 40  
DC  "O3'"  O  N N 41  
DC  "C2'"  C  N N 42  
DC  "C1'"  C  N R 43  
DC  N1     N  N N 44  
DC  C2     C  N N 45  
DC  O2     O  N N 46  
DC  N3     N  N N 47  
DC  C4     C  N N 48  
DC  N4     N  N N 49  
DC  C5     C  N N 50  
DC  C6     C  N N 51  
DC  HOP3   H  N N 52  
DC  HOP2   H  N N 53  
DC  "H5'"  H  N N 54  
DC  "H5''" H  N N 55  
DC  "H4'"  H  N N 56  
DC  "H3'"  H  N N 57  
DC  "HO3'" H  N N 58  
DC  "H2'"  H  N N 59  
DC  "H2''" H  N N 60  
DC  "H1'"  H  N N 61  
DC  H41    H  N N 62  
DC  H42    H  N N 63  
DC  H5     H  N N 64  
DC  H6     H  N N 65  
DG  OP3    O  N N 66  
DG  P      P  N N 67  
DG  OP1    O  N N 68  
DG  OP2    O  N N 69  
DG  "O5'"  O  N N 70  
DG  "C5'"  C  N N 71  
DG  "C4'"  C  N R 72  
DG  "O4'"  O  N N 73  
DG  "C3'"  C  N S 74  
DG  "O3'"  O  N N 75  
DG  "C2'"  C  N N 76  
DG  "C1'"  C  N R 77  
DG  N9     N  Y N 78  
DG  C8     C  Y N 79  
DG  N7     N  Y N 80  
DG  C5     C  Y N 81  
DG  C6     C  N N 82  
DG  O6     O  N N 83  
DG  N1     N  N N 84  
DG  C2     C  N N 85  
DG  N2     N  N N 86  
DG  N3     N  N N 87  
DG  C4     C  Y N 88  
DG  HOP3   H  N N 89  
DG  HOP2   H  N N 90  
DG  "H5'"  H  N N 91  
DG  "H5''" H  N N 92  
DG  "H4'"  H  N N 93  
DG  "H3'"  H  N N 94  
DG  "HO3'" H  N N 95  
DG  "H2'"  H  N N 96  
DG  "H2''" H  N N 97  
DG  "H1'"  H  N N 98  
DG  H8     H  N N 99  
DG  H1     H  N N 100 
DG  H21    H  N N 101 
DG  H22    H  N N 102 
HOH O      O  N N 103 
HOH H1     H  N N 104 
HOH H2     H  N N 105 
R1Z RU1    RU N N 106 
R1Z N7     N  Y N 107 
R1Z C29    C  Y N 108 
R1Z C30    C  Y N 109 
R1Z C31    C  Y N 110 
R1Z C32    C  Y N 111 
R1Z C33    C  Y N 112 
R1Z C34    C  Y N 113 
R1Z N8     N  Y N 114 
R1Z C38    C  Y N 115 
R1Z C37    C  Y N 116 
R1Z C36    C  Y N 117 
R1Z C35    C  Y N 118 
R1Z N6     N  Y N 119 
R1Z C28    C  Y N 120 
R1Z C27    C  Y N 121 
R1Z C26    C  Y N 122 
R1Z C25    C  Y N 123 
R1Z C24    C  Y N 124 
R1Z C23    C  Y N 125 
R1Z N5     N  Y N 126 
R1Z C19    C  Y N 127 
R1Z C20    C  Y N 128 
R1Z C21    C  Y N 129 
R1Z C22    C  Y N 130 
R1Z C10    C  Y N 131 
R1Z C11    C  Y N 132 
R1Z N4     N  Y N 133 
R1Z C12    C  Y N 134 
R1Z C1     C  Y N 135 
R1Z C13    C  Y N 136 
R1Z C14    C  Y N 137 
R1Z C15    C  Y N 138 
R1Z N1     N  Y N 139 
R1Z C2     C  Y N 140 
R1Z C3     C  Y N 141 
R1Z C9     C  Y N 142 
R1Z C8     C  Y N 143 
R1Z C7     C  Y N 144 
R1Z C6     C  Y N 145 
R1Z N3     N  Y N 146 
R1Z C5     C  Y N 147 
R1Z C4     C  Y N 148 
R1Z C18    C  Y N 149 
R1Z C17    C  Y N 150 
R1Z C16    C  Y N 151 
R1Z N2     N  Y N 152 
R1Z H291   H  N N 153 
R1Z H301   H  N N 154 
R1Z H311   H  N N 155 
R1Z H321   H  N N 156 
R1Z H381   H  N N 157 
R1Z H371   H  N N 158 
R1Z H361   H  N N 159 
R1Z H351   H  N N 160 
R1Z H281   H  N N 161 
R1Z H271   H  N N 162 
R1Z H261   H  N N 163 
R1Z H251   H  N N 164 
R1Z H191   H  N N 165 
R1Z H201   H  N N 166 
R1Z H211   H  N N 167 
R1Z H221   H  N N 168 
R1Z H101   H  N N 169 
R1Z H131   H  N N 170 
R1Z H141   H  N N 171 
R1Z H151   H  N N 172 
R1Z H91    H  N N 173 
R1Z H81    H  N N 174 
R1Z H71    H  N N 175 
R1Z H181   H  N N 176 
R1Z H171   H  N N 177 
R1Z H161   H  N N 178 
# 
loop_
_chem_comp_bond.comp_id 
_chem_comp_bond.atom_id_1 
_chem_comp_bond.atom_id_2 
_chem_comp_bond.value_order 
_chem_comp_bond.pdbx_aromatic_flag 
_chem_comp_bond.pdbx_stereo_config 
_chem_comp_bond.pdbx_ordinal 
5BT "C1'" N1     sing N N 1   
5BT N1    C6     sing N N 2   
5BT N1    C2     sing N N 3   
5BT O2    C2     doub N N 4   
5BT C2    N3     sing N N 5   
5BT N3    C4     doub N N 6   
5BT C5    C4     sing N N 7   
5BT C4    N4     sing N N 8   
5BT N4    HN4    sing N N 9   
5BT N4    HN4A   sing N N 10  
5BT C6    C5     doub N N 11  
5BT C5    BR5    sing N N 12  
5BT C6    H6     sing N N 13  
5BT "C2'" "C1'"  sing N N 14  
5BT "C1'" "O4'"  sing N N 15  
5BT "C1'" "H1'"  sing N N 16  
5BT "C2'" "C3'"  sing N N 17  
5BT "C2'" "H2'"  sing N N 18  
5BT "C2'" "H2'A" sing N N 19  
5BT "C3'" "O3'"  sing N N 20  
5BT "C3'" "C4'"  sing N N 21  
5BT "C3'" "H3'"  sing N N 22  
5BT "O3'" "HO3'" sing N N 23  
5BT "C5'" "C4'"  sing N N 24  
5BT "C4'" "O4'"  sing N N 25  
5BT "C4'" "H4'"  sing N N 26  
5BT "C5'" "O5'"  sing N N 27  
5BT "C5'" "H5'"  sing N N 28  
5BT "C5'" "H5'A" sing N N 29  
5BT "O5'" "HO5'" sing N N 30  
DC  OP3   P      sing N N 31  
DC  OP3   HOP3   sing N N 32  
DC  P     OP1    doub N N 33  
DC  P     OP2    sing N N 34  
DC  P     "O5'"  sing N N 35  
DC  OP2   HOP2   sing N N 36  
DC  "O5'" "C5'"  sing N N 37  
DC  "C5'" "C4'"  sing N N 38  
DC  "C5'" "H5'"  sing N N 39  
DC  "C5'" "H5''" sing N N 40  
DC  "C4'" "O4'"  sing N N 41  
DC  "C4'" "C3'"  sing N N 42  
DC  "C4'" "H4'"  sing N N 43  
DC  "O4'" "C1'"  sing N N 44  
DC  "C3'" "O3'"  sing N N 45  
DC  "C3'" "C2'"  sing N N 46  
DC  "C3'" "H3'"  sing N N 47  
DC  "O3'" "HO3'" sing N N 48  
DC  "C2'" "C1'"  sing N N 49  
DC  "C2'" "H2'"  sing N N 50  
DC  "C2'" "H2''" sing N N 51  
DC  "C1'" N1     sing N N 52  
DC  "C1'" "H1'"  sing N N 53  
DC  N1    C2     sing N N 54  
DC  N1    C6     sing N N 55  
DC  C2    O2     doub N N 56  
DC  C2    N3     sing N N 57  
DC  N3    C4     doub N N 58  
DC  C4    N4     sing N N 59  
DC  C4    C5     sing N N 60  
DC  N4    H41    sing N N 61  
DC  N4    H42    sing N N 62  
DC  C5    C6     doub N N 63  
DC  C5    H5     sing N N 64  
DC  C6    H6     sing N N 65  
DG  OP3   P      sing N N 66  
DG  OP3   HOP3   sing N N 67  
DG  P     OP1    doub N N 68  
DG  P     OP2    sing N N 69  
DG  P     "O5'"  sing N N 70  
DG  OP2   HOP2   sing N N 71  
DG  "O5'" "C5'"  sing N N 72  
DG  "C5'" "C4'"  sing N N 73  
DG  "C5'" "H5'"  sing N N 74  
DG  "C5'" "H5''" sing N N 75  
DG  "C4'" "O4'"  sing N N 76  
DG  "C4'" "C3'"  sing N N 77  
DG  "C4'" "H4'"  sing N N 78  
DG  "O4'" "C1'"  sing N N 79  
DG  "C3'" "O3'"  sing N N 80  
DG  "C3'" "C2'"  sing N N 81  
DG  "C3'" "H3'"  sing N N 82  
DG  "O3'" "HO3'" sing N N 83  
DG  "C2'" "C1'"  sing N N 84  
DG  "C2'" "H2'"  sing N N 85  
DG  "C2'" "H2''" sing N N 86  
DG  "C1'" N9     sing N N 87  
DG  "C1'" "H1'"  sing N N 88  
DG  N9    C8     sing Y N 89  
DG  N9    C4     sing Y N 90  
DG  C8    N7     doub Y N 91  
DG  C8    H8     sing N N 92  
DG  N7    C5     sing Y N 93  
DG  C5    C6     sing N N 94  
DG  C5    C4     doub Y N 95  
DG  C6    O6     doub N N 96  
DG  C6    N1     sing N N 97  
DG  N1    C2     sing N N 98  
DG  N1    H1     sing N N 99  
DG  C2    N2     sing N N 100 
DG  C2    N3     doub N N 101 
DG  N2    H21    sing N N 102 
DG  N2    H22    sing N N 103 
DG  N3    C4     sing N N 104 
HOH O     H1     sing N N 105 
HOH O     H2     sing N N 106 
R1Z C21   C22    doub Y N 107 
R1Z C21   C20    sing Y N 108 
R1Z C22   C23    sing Y N 109 
R1Z C25   C26    doub Y N 110 
R1Z C25   C24    sing Y N 111 
R1Z C26   C27    sing Y N 112 
R1Z C20   C19    doub Y N 113 
R1Z C23   C24    sing N N 114 
R1Z C23   N5     doub Y N 115 
R1Z C24   N6     doub Y N 116 
R1Z C27   C28    doub Y N 117 
R1Z C19   N5     sing Y N 118 
R1Z N5    RU1    sing N N 119 
R1Z N6    C28    sing Y N 120 
R1Z N6    RU1    sing N N 121 
R1Z C14   C15    doub Y N 122 
R1Z C14   C13    sing Y N 123 
R1Z C15   N1     sing Y N 124 
R1Z C13   C1     doub Y N 125 
R1Z N1    RU1    sing N N 126 
R1Z N1    C2     doub Y N 127 
R1Z RU1   N8     sing N N 128 
R1Z RU1   N2     sing N N 129 
R1Z RU1   N7     sing N N 130 
R1Z C1    C2     sing Y N 131 
R1Z C1    C12    sing Y N 132 
R1Z C38   N8     doub Y N 133 
R1Z C38   C37    sing Y N 134 
R1Z C2    C3     sing Y N 135 
R1Z N8    C34    sing Y N 136 
R1Z N4    C12    doub Y N 137 
R1Z N4    C11    sing Y N 138 
R1Z C37   C36    doub Y N 139 
R1Z C12   C5     sing Y N 140 
R1Z C3    N2     doub Y N 141 
R1Z C3    C4     sing Y N 142 
R1Z N2    C16    sing Y N 143 
R1Z C10   C11    doub Y N 144 
R1Z C10   C9     sing Y N 145 
R1Z C11   C6     sing Y N 146 
R1Z N7    C29    doub Y N 147 
R1Z N7    C33    sing Y N 148 
R1Z C5    C4     sing Y N 149 
R1Z C5    N3     doub Y N 150 
R1Z C34   C33    sing N N 151 
R1Z C34   C35    doub Y N 152 
R1Z C36   C35    sing Y N 153 
R1Z C4    C18    doub Y N 154 
R1Z C29   C30    sing Y N 155 
R1Z C16   C17    doub Y N 156 
R1Z C9    C8     doub Y N 157 
R1Z C33   C32    doub Y N 158 
R1Z C6    N3     sing Y N 159 
R1Z C6    C7     doub Y N 160 
R1Z C18   C17    sing Y N 161 
R1Z C8    C7     sing Y N 162 
R1Z C30   C31    doub Y N 163 
R1Z C32   C31    sing Y N 164 
R1Z C29   H291   sing N N 165 
R1Z C30   H301   sing N N 166 
R1Z C31   H311   sing N N 167 
R1Z C32   H321   sing N N 168 
R1Z C38   H381   sing N N 169 
R1Z C37   H371   sing N N 170 
R1Z C36   H361   sing N N 171 
R1Z C35   H351   sing N N 172 
R1Z C28   H281   sing N N 173 
R1Z C27   H271   sing N N 174 
R1Z C26   H261   sing N N 175 
R1Z C25   H251   sing N N 176 
R1Z C19   H191   sing N N 177 
R1Z C20   H201   sing N N 178 
R1Z C21   H211   sing N N 179 
R1Z C22   H221   sing N N 180 
R1Z C10   H101   sing N N 181 
R1Z C13   H131   sing N N 182 
R1Z C14   H141   sing N N 183 
R1Z C15   H151   sing N N 184 
R1Z C9    H91    sing N N 185 
R1Z C8    H81    sing N N 186 
R1Z C7    H71    sing N N 187 
R1Z C18   H181   sing N N 188 
R1Z C17   H171   sing N N 189 
R1Z C16   H161   sing N N 190 
# 
_ndb_struct_conf_na.entry_id   5LFS 
_ndb_struct_conf_na.feature    'b-form double helix' 
# 
loop_
_ndb_struct_na_base_pair.model_number 
_ndb_struct_na_base_pair.i_label_asym_id 
_ndb_struct_na_base_pair.i_label_comp_id 
_ndb_struct_na_base_pair.i_label_seq_id 
_ndb_struct_na_base_pair.i_symmetry 
_ndb_struct_na_base_pair.j_label_asym_id 
_ndb_struct_na_base_pair.j_label_comp_id 
_ndb_struct_na_base_pair.j_label_seq_id 
_ndb_struct_na_base_pair.j_symmetry 
_ndb_struct_na_base_pair.shear 
_ndb_struct_na_base_pair.stretch 
_ndb_struct_na_base_pair.stagger 
_ndb_struct_na_base_pair.buckle 
_ndb_struct_na_base_pair.propeller 
_ndb_struct_na_base_pair.opening 
_ndb_struct_na_base_pair.pair_number 
_ndb_struct_na_base_pair.pair_name 
_ndb_struct_na_base_pair.i_auth_asym_id 
_ndb_struct_na_base_pair.i_auth_seq_id 
_ndb_struct_na_base_pair.i_PDB_ins_code 
_ndb_struct_na_base_pair.j_auth_asym_id 
_ndb_struct_na_base_pair.j_auth_seq_id 
_ndb_struct_na_base_pair.j_PDB_ins_code 
_ndb_struct_na_base_pair.hbond_type_28 
_ndb_struct_na_base_pair.hbond_type_12 
1 A DG 1 1_555 B DC 4 1_555 -0.433 -0.103 0.184 3.060  -4.869 -0.105 1 A_DG1:DC4_C A 1 ? C 4 ? 19 1 
1 A DC 2 1_555 B DG 3 1_555 0.169  -0.104 0.304 -3.583 -2.367 -3.662 2 A_DC2:DG3_C A 2 ? C 3 ? 19 1 
1 A DC 3 1_555 B DG 2 1_555 0.286  -0.180 0.006 10.735 8.850  0.013  3 A_DC3:DG2_C A 3 ? C 2 ? 19 1 
# 
loop_
_ndb_struct_na_base_pair_step.model_number 
_ndb_struct_na_base_pair_step.i_label_asym_id_1 
_ndb_struct_na_base_pair_step.i_label_comp_id_1 
_ndb_struct_na_base_pair_step.i_label_seq_id_1 
_ndb_struct_na_base_pair_step.i_symmetry_1 
_ndb_struct_na_base_pair_step.j_label_asym_id_1 
_ndb_struct_na_base_pair_step.j_label_comp_id_1 
_ndb_struct_na_base_pair_step.j_label_seq_id_1 
_ndb_struct_na_base_pair_step.j_symmetry_1 
_ndb_struct_na_base_pair_step.i_label_asym_id_2 
_ndb_struct_na_base_pair_step.i_label_comp_id_2 
_ndb_struct_na_base_pair_step.i_label_seq_id_2 
_ndb_struct_na_base_pair_step.i_symmetry_2 
_ndb_struct_na_base_pair_step.j_label_asym_id_2 
_ndb_struct_na_base_pair_step.j_label_comp_id_2 
_ndb_struct_na_base_pair_step.j_label_seq_id_2 
_ndb_struct_na_base_pair_step.j_symmetry_2 
_ndb_struct_na_base_pair_step.shift 
_ndb_struct_na_base_pair_step.slide 
_ndb_struct_na_base_pair_step.rise 
_ndb_struct_na_base_pair_step.tilt 
_ndb_struct_na_base_pair_step.roll 
_ndb_struct_na_base_pair_step.twist 
_ndb_struct_na_base_pair_step.x_displacement 
_ndb_struct_na_base_pair_step.y_displacement 
_ndb_struct_na_base_pair_step.helical_rise 
_ndb_struct_na_base_pair_step.inclination 
_ndb_struct_na_base_pair_step.tip 
_ndb_struct_na_base_pair_step.helical_twist 
_ndb_struct_na_base_pair_step.step_number 
_ndb_struct_na_base_pair_step.step_name 
_ndb_struct_na_base_pair_step.i_auth_asym_id_1 
_ndb_struct_na_base_pair_step.i_auth_seq_id_1 
_ndb_struct_na_base_pair_step.i_PDB_ins_code_1 
_ndb_struct_na_base_pair_step.j_auth_asym_id_1 
_ndb_struct_na_base_pair_step.j_auth_seq_id_1 
_ndb_struct_na_base_pair_step.j_PDB_ins_code_1 
_ndb_struct_na_base_pair_step.i_auth_asym_id_2 
_ndb_struct_na_base_pair_step.i_auth_seq_id_2 
_ndb_struct_na_base_pair_step.i_PDB_ins_code_2 
_ndb_struct_na_base_pair_step.j_auth_asym_id_2 
_ndb_struct_na_base_pair_step.j_auth_seq_id_2 
_ndb_struct_na_base_pair_step.j_PDB_ins_code_2 
1 A DG 1 1_555 B DC 4 1_555 A DC 2 1_555 B DG 3 1_555 -0.675 -0.314 3.515 -0.937 -1.033 37.502 -0.343 0.917  3.537 -1.606 1.457  
37.527 1 AA_DG1DC2:DG3DC4_CC A 1 ? C 4 ? A 2 ? C 3 ? 
1 A DC 2 1_555 B DG 3 1_555 A DC 3 1_555 B DG 2 1_555 1.604  1.369  3.141 3.972  1.770  30.046 2.257  -2.263 3.393 3.392  -7.611 
30.352 2 AA_DC2DC3:DG2DG3_CC A 2 ? C 3 ? A 3 ? C 2 ? 
# 
loop_
_pdbx_audit_support.funding_organization 
_pdbx_audit_support.country 
_pdbx_audit_support.grant_number 
_pdbx_audit_support.ordinal 
'Biotechnology and Biological Sciences Research Council' 'United Kingdom' BB/K019279/1 1 
'Biotechnology and Biological Sciences Research Council' 'United Kingdom' BB/M004635/1 2 
# 
_atom_sites.entry_id                    5LFS 
_atom_sites.fract_transf_matrix[1][1]   -0.00155573 
_atom_sites.fract_transf_matrix[1][2]   0.00051761 
_atom_sites.fract_transf_matrix[1][3]   0.01718230 
_atom_sites.fract_transf_matrix[2][1]   0.00496828 
_atom_sites.fract_transf_matrix[2][2]   0.01405752 
_atom_sites.fract_transf_matrix[2][3]   0.00869539 
_atom_sites.fract_transf_matrix[3][1]   -0.02550634 
_atom_sites.fract_transf_matrix[3][2]   0.01064136 
_atom_sites.fract_transf_matrix[3][3]   -0.00262998 
_atom_sites.fract_transf_vector[1]      0.385633 
_atom_sites.fract_transf_vector[2]      0.861981 
_atom_sites.fract_transf_vector[3]      0.188210 
# 
loop_
_atom_type.symbol 
BA 
BR 
C  
CL 
N  
O  
P  
RU 
# 
loop_
_atom_site.group_PDB 
_atom_site.id 
_atom_site.type_symbol 
_atom_site.label_atom_id 
_atom_site.label_alt_id 
_atom_site.label_comp_id 
_atom_site.label_asym_id 
_atom_site.label_entity_id 
_atom_site.label_seq_id 
_atom_site.pdbx_PDB_ins_code 
_atom_site.Cartn_x 
_atom_site.Cartn_y 
_atom_site.Cartn_z 
_atom_site.occupancy 
_atom_site.B_iso_or_equiv 
_atom_site.pdbx_formal_charge 
_atom_site.auth_seq_id 
_atom_site.auth_comp_id 
_atom_site.auth_asym_id 
_atom_site.auth_atom_id 
_atom_site.pdbx_PDB_model_num 
ATOM   1   O  "O5'" . DG  A 1 1 ? -6.876  -0.079  -10.606 1.00 48.78 ? 1   DG  A "O5'" 1 
ATOM   2   C  "C5'" . DG  A 1 1 ? -7.456  0.461   -9.416  1.00 44.77 ? 1   DG  A "C5'" 1 
ATOM   3   C  "C4'" . DG  A 1 1 ? -7.545  -0.619  -8.365  1.00 44.19 ? 1   DG  A "C4'" 1 
ATOM   4   O  "O4'" . DG  A 1 1 ? -6.252  -1.244  -8.175  1.00 44.22 ? 1   DG  A "O4'" 1 
ATOM   5   C  "C3'" . DG  A 1 1 ? -7.935  -0.113  -6.985  1.00 42.97 ? 1   DG  A "C3'" 1 
ATOM   6   O  "O3'" . DG  A 1 1 ? -8.543  -1.229  -6.339  1.00 43.66 ? 1   DG  A "O3'" 1 
ATOM   7   C  "C2'" . DG  A 1 1 ? -6.593  0.289   -6.397  1.00 42.59 ? 1   DG  A "C2'" 1 
ATOM   8   C  "C1'" . DG  A 1 1 ? -5.677  -0.808  -6.937  1.00 42.79 ? 1   DG  A "C1'" 1 
ATOM   9   N  N9    . DG  A 1 1 ? -4.292  -0.424  -7.204  1.00 39.75 ? 1   DG  A N9    1 
ATOM   10  C  C8    . DG  A 1 1 ? -3.845  0.679   -7.891  1.00 39.95 ? 1   DG  A C8    1 
ATOM   11  N  N7    . DG  A 1 1 ? -2.544  0.732   -7.984  1.00 40.21 ? 1   DG  A N7    1 
ATOM   12  C  C5    . DG  A 1 1 ? -2.107  -0.412  -7.330  1.00 35.00 ? 1   DG  A C5    1 
ATOM   13  C  C6    . DG  A 1 1 ? -0.791  -0.907  -7.121  1.00 34.73 ? 1   DG  A C6    1 
ATOM   14  O  O6    . DG  A 1 1 ? 0.284   -0.417  -7.485  1.00 36.74 ? 1   DG  A O6    1 
ATOM   15  N  N1    . DG  A 1 1 ? -0.801  -2.109  -6.418  1.00 34.04 ? 1   DG  A N1    1 
ATOM   16  C  C2    . DG  A 1 1 ? -1.928  -2.746  -5.964  1.00 35.00 ? 1   DG  A C2    1 
ATOM   17  N  N2    . DG  A 1 1 ? -1.734  -3.886  -5.287  1.00 33.54 ? 1   DG  A N2    1 
ATOM   18  N  N3    . DG  A 1 1 ? -3.161  -2.295  -6.154  1.00 40.22 ? 1   DG  A N3    1 
ATOM   19  C  C4    . DG  A 1 1 ? -3.174  -1.139  -6.850  1.00 37.18 ? 1   DG  A C4    1 
ATOM   20  P  P     . DC  A 1 2 ? -9.094  -1.088  -4.872  1.00 48.75 ? 2   DC  A P     1 
ATOM   21  O  OP1   . DC  A 1 2 ? -10.320 -1.926  -4.751  1.00 44.28 ? 2   DC  A OP1   1 
ATOM   22  O  OP2   . DC  A 1 2 ? -9.108  0.348   -4.557  1.00 49.50 ? 2   DC  A OP2   1 
ATOM   23  O  "O5'" . DC  A 1 2 ? -7.968  -1.803  -3.994  1.00 45.55 ? 2   DC  A "O5'" 1 
ATOM   24  C  "C5'" . DC  A 1 2 ? -7.700  -3.209  -4.134  1.00 38.59 ? 2   DC  A "C5'" 1 
ATOM   25  C  "C4'" . DC  A 1 2 ? -6.739  -3.671  -3.066  1.00 38.29 ? 2   DC  A "C4'" 1 
ATOM   26  O  "O4'" . DC  A 1 2 ? -5.414  -3.144  -3.311  1.00 36.71 ? 2   DC  A "O4'" 1 
ATOM   27  C  "C3'" . DC  A 1 2 ? -7.110  -3.237  -1.653  1.00 36.18 ? 2   DC  A "C3'" 1 
ATOM   28  O  "O3'" . DC  A 1 2 ? -6.997  -4.425  -0.876  1.00 37.73 ? 2   DC  A "O3'" 1 
ATOM   29  C  "C2'" . DC  A 1 2 ? -6.142  -2.101  -1.355  1.00 36.62 ? 2   DC  A "C2'" 1 
ATOM   30  C  "C1'" . DC  A 1 2 ? -4.919  -2.497  -2.162  1.00 35.83 ? 2   DC  A "C1'" 1 
ATOM   31  N  N1    . DC  A 1 2 ? -4.042  -1.433  -2.644  1.00 35.23 ? 2   DC  A N1    1 
ATOM   32  C  C2    . DC  A 1 2 ? -2.657  -1.627  -2.571  1.00 32.95 ? 2   DC  A C2    1 
ATOM   33  O  O2    . DC  A 1 2 ? -2.218  -2.631  -1.979  1.00 32.36 ? 2   DC  A O2    1 
ATOM   34  N  N3    . DC  A 1 2 ? -1.833  -0.710  -3.126  1.00 32.09 ? 2   DC  A N3    1 
ATOM   35  C  C4    . DC  A 1 2 ? -2.344  0.347   -3.762  1.00 32.43 ? 2   DC  A C4    1 
ATOM   36  N  N4    . DC  A 1 2 ? -1.496  1.229   -4.286  1.00 32.24 ? 2   DC  A N4    1 
ATOM   37  C  C5    . DC  A 1 2 ? -3.751  0.546   -3.885  1.00 32.59 ? 2   DC  A C5    1 
ATOM   38  C  C6    . DC  A 1 2 ? -4.553  -0.376  -3.345  1.00 33.48 ? 2   DC  A C6    1 
ATOM   39  P  P     . DC  A 1 3 ? -7.716  -4.543  0.521   1.00 40.88 ? 3   DC  A P     1 
ATOM   40  O  OP1   . DC  A 1 3 ? -7.690  -5.960  0.935   1.00 40.34 ? 3   DC  A OP1   1 
ATOM   41  O  OP2   . DC  A 1 3 ? -8.964  -3.758  0.474   1.00 41.55 ? 3   DC  A OP2   1 
ATOM   42  O  "O5'" . DC  A 1 3 ? -6.735  -3.735  1.491   1.00 39.00 ? 3   DC  A "O5'" 1 
ATOM   43  C  "C5'" . DC  A 1 3 ? -5.494  -4.318  1.920   1.00 35.45 ? 3   DC  A "C5'" 1 
ATOM   44  C  "C4'" . DC  A 1 3 ? -4.662  -3.252  2.584   1.00 35.95 ? 3   DC  A "C4'" 1 
ATOM   45  O  "O4'" . DC  A 1 3 ? -4.242  -2.269  1.606   1.00 34.49 ? 3   DC  A "O4'" 1 
ATOM   46  C  "C3'" . DC  A 1 3 ? -5.428  -2.476  3.658   1.00 37.39 ? 3   DC  A "C3'" 1 
ATOM   47  O  "O3'" . DC  A 1 3 ? -4.678  -2.429  4.861   1.00 41.08 ? 3   DC  A "O3'" 1 
ATOM   48  C  "C2'" . DC  A 1 3 ? -5.584  -1.091  3.069   1.00 34.53 ? 3   DC  A "C2'" 1 
ATOM   49  C  "C1'" . DC  A 1 3 ? -4.332  -1.009  2.228   1.00 33.67 ? 3   DC  A "C1'" 1 
ATOM   50  N  N1    . DC  A 1 3 ? -4.239  0.040   1.198   1.00 34.46 ? 3   DC  A N1    1 
ATOM   51  C  C2    . DC  A 1 3 ? -2.975  0.367   0.690   1.00 33.02 ? 3   DC  A C2    1 
ATOM   52  O  O2    . DC  A 1 3 ? -1.984  -0.264  1.087   1.00 33.68 ? 3   DC  A O2    1 
ATOM   53  N  N3    . DC  A 1 3 ? -2.866  1.350   -0.233  1.00 34.88 ? 3   DC  A N3    1 
ATOM   54  C  C4    . DC  A 1 3 ? -3.953  2.010   -0.637  1.00 33.43 ? 3   DC  A C4    1 
ATOM   55  N  N4    . DC  A 1 3 ? -3.794  2.981   -1.532  1.00 32.10 ? 3   DC  A N4    1 
ATOM   56  C  C5    . DC  A 1 3 ? -5.250  1.706   -0.132  1.00 36.07 ? 3   DC  A C5    1 
ATOM   57  C  C6    . DC  A 1 3 ? -5.348  0.726   0.777   1.00 37.17 ? 3   DC  A C6    1 
ATOM   58  P  P     . DG  A 1 4 ? -5.014  -3.437  6.045   1.00 50.19 ? 4   DG  A P     1 
ATOM   59  O  OP1   . DG  A 1 4 ? -4.389  -4.756  5.748   1.00 45.16 ? 4   DG  A OP1   1 
ATOM   60  O  OP2   . DG  A 1 4 ? -6.471  -3.350  6.298   1.00 45.57 ? 4   DG  A OP2   1 
ATOM   61  O  "O5'" . DG  A 1 4 ? -4.154  -2.839  7.253   1.00 44.41 ? 4   DG  A "O5'" 1 
ATOM   62  C  "C5'" . DG  A 1 4 ? -4.618  -1.709  8.000   1.00 39.62 ? 4   DG  A "C5'" 1 
ATOM   63  C  "C4'" . DG  A 1 4 ? -3.638  -1.377  9.100   1.00 38.29 ? 4   DG  A "C4'" 1 
ATOM   64  O  "O4'" . DG  A 1 4 ? -2.646  -0.470  8.570   1.00 34.08 ? 4   DG  A "O4'" 1 
ATOM   65  C  "C3'" . DG  A 1 4 ? -4.268  -0.677  10.313  1.00 37.68 ? 4   DG  A "C3'" 1 
ATOM   66  O  "O3'" . DG  A 1 4 ? -4.389  -1.595  11.399  1.00 38.87 ? 4   DG  A "O3'" 1 
ATOM   67  C  "C2'" . DG  A 1 4 ? -3.270  0.415   10.669  1.00 37.95 ? 4   DG  A "C2'" 1 
ATOM   68  C  "C1'" . DG  A 1 4 ? -2.594  0.728   9.337   1.00 37.53 ? 4   DG  A "C1'" 1 
ATOM   69  N  N9    . DG  A 1 4 ? -3.213  1.787   8.548   1.00 36.67 ? 4   DG  A N9    1 
ATOM   70  C  C8    . DG  A 1 4 ? -4.544  2.137   8.514   1.00 38.82 ? 4   DG  A C8    1 
ATOM   71  N  N7    . DG  A 1 4 ? -4.797  3.114   7.686   1.00 37.00 ? 4   DG  A N7    1 
ATOM   72  C  C5    . DG  A 1 4 ? -3.560  3.434   7.145   1.00 36.56 ? 4   DG  A C5    1 
ATOM   73  C  C6    . DG  A 1 4 ? -3.200  4.430   6.200   1.00 35.02 ? 4   DG  A C6    1 
ATOM   74  O  O6    . DG  A 1 4 ? -3.927  5.240   5.614   1.00 35.65 ? 4   DG  A O6    1 
ATOM   75  N  N1    . DG  A 1 4 ? -1.833  4.417   5.940   1.00 36.11 ? 4   DG  A N1    1 
ATOM   76  C  C2    . DG  A 1 4 ? -0.926  3.561   6.518   1.00 34.74 ? 4   DG  A C2    1 
ATOM   77  N  N2    . DG  A 1 4 ? 0.350   3.713   6.138   1.00 35.47 ? 4   DG  A N2    1 
ATOM   78  N  N3    . DG  A 1 4 ? -1.243  2.651   7.429   1.00 32.54 ? 4   DG  A N3    1 
ATOM   79  C  C4    . DG  A 1 4 ? -2.570  2.630   7.677   1.00 35.81 ? 4   DG  A C4    1 
HETATM 80  N  N1    . 5BT B 2 1 ? 1.064   7.238   2.760   1.00 36.94 ? 1   5BT C N1    1 
HETATM 81  C  C2    . 5BT B 2 1 ? 0.563   6.297   3.682   1.00 35.33 ? 1   5BT C C2    1 
HETATM 82  O  O2    . 5BT B 2 1 ? 1.324   5.465   4.209   1.00 33.84 ? 1   5BT C O2    1 
HETATM 83  N  N3    . 5BT B 2 1 ? -0.743  6.292   3.993   1.00 38.46 ? 1   5BT C N3    1 
HETATM 84  C  C4    . 5BT B 2 1 ? -1.605  7.180   3.429   1.00 37.67 ? 1   5BT C C4    1 
HETATM 85  N  N4    . 5BT B 2 1 ? -2.911  7.127   3.768   1.00 41.15 ? 1   5BT C N4    1 
HETATM 86  C  C5    . 5BT B 2 1 ? -1.084  8.169   2.473   1.00 38.43 ? 1   5BT C C5    1 
HETATM 87  BR BR5   . 5BT B 2 1 ? -2.159  9.478   1.592   1.00 44.90 ? 1   5BT C BR5   1 
HETATM 88  C  C6    . 5BT B 2 1 ? 0.265   8.135   2.176   1.00 36.32 ? 1   5BT C C6    1 
HETATM 89  C  "C1'" . 5BT B 2 1 ? 2.487   7.200   2.485   1.00 36.81 ? 1   5BT C "C1'" 1 
HETATM 90  C  "C2'" . 5BT B 2 1 ? 2.884   6.046   1.568   1.00 36.33 ? 1   5BT C "C2'" 1 
HETATM 91  C  "C3'" . 5BT B 2 1 ? 3.921   6.704   0.673   1.00 37.14 ? 1   5BT C "C3'" 1 
HETATM 92  O  "O3'" . 5BT B 2 1 ? 5.194   6.472   1.237   1.00 35.18 ? 1   5BT C "O3'" 1 
HETATM 93  C  "C4'" . 5BT B 2 1 ? 3.655   8.202   0.707   1.00 40.25 ? 1   5BT C "C4'" 1 
HETATM 94  O  "O4'" . 5BT B 2 1 ? 2.798   8.419   1.827   1.00 38.27 ? 1   5BT C "O4'" 1 
HETATM 95  C  "C5'" . 5BT B 2 1 ? 3.009   8.773   -0.562  1.00 43.38 ? 1   5BT C "C5'" 1 
HETATM 96  O  "O5'" . 5BT B 2 1 ? 1.642   8.426   -0.560  1.00 44.75 ? 1   5BT C "O5'" 1 
ATOM   97  P  P     . DG  B 2 2 ? 6.494   6.644   0.351   1.00 38.49 ? 2   DG  C P     1 
ATOM   98  O  OP1   . DG  B 2 2 ? 7.663   6.734   1.264   1.00 35.45 ? 2   DG  C OP1   1 
ATOM   99  O  OP2   . DG  B 2 2 ? 6.194   7.649   -0.702  1.00 36.08 ? 2   DG  C OP2   1 
ATOM   100 O  "O5'" . DG  B 2 2 ? 6.628   5.223   -0.360  1.00 39.98 ? 2   DG  C "O5'" 1 
ATOM   101 C  "C5'" . DG  B 2 2 ? 6.938   4.054   0.413   1.00 39.67 ? 2   DG  C "C5'" 1 
ATOM   102 C  "C4'" . DG  B 2 2 ? 6.542   2.811   -0.353  1.00 37.71 ? 2   DG  C "C4'" 1 
ATOM   103 O  "O4'" . DG  B 2 2 ? 5.104   2.758   -0.480  1.00 36.10 ? 2   DG  C "O4'" 1 
ATOM   104 C  "C3'" . DG  B 2 2 ? 7.093   2.721   -1.779  1.00 35.30 ? 2   DG  C "C3'" 1 
ATOM   105 O  "O3'" . DG  B 2 2 ? 7.431   1.360   -1.978  1.00 37.84 ? 2   DG  C "O3'" 1 
ATOM   106 C  "C2'" . DG  B 2 2 ? 5.910   3.090   -2.650  1.00 35.91 ? 2   DG  C "C2'" 1 
ATOM   107 C  "C1'" . DG  B 2 2 ? 4.773   2.504   -1.834  1.00 37.00 ? 2   DG  C "C1'" 1 
ATOM   108 N  N9    . DG  B 2 2 ? 3.447   3.051   -2.083  1.00 32.32 ? 2   DG  C N9    1 
ATOM   109 C  C8    . DG  B 2 2 ? 3.126   4.234   -2.708  1.00 34.81 ? 2   DG  C C8    1 
ATOM   110 N  N7    . DG  B 2 2 ? 1.839   4.463   -2.740  1.00 32.59 ? 2   DG  C N7    1 
ATOM   111 C  C5    . DG  B 2 2 ? 1.279   3.360   -2.112  1.00 32.77 ? 2   DG  C C5    1 
ATOM   112 C  C6    . DG  B 2 2 ? -0.076  3.034   -1.874  1.00 33.02 ? 2   DG  C C6    1 
ATOM   113 O  O6    . DG  B 2 2 ? -1.091  3.675   -2.189  1.00 32.72 ? 2   DG  C O6    1 
ATOM   114 N  N1    . DG  B 2 2 ? -0.199  1.830   -1.183  1.00 30.99 ? 2   DG  C N1    1 
ATOM   115 C  C2    . DG  B 2 2 ? 0.851   1.036   -0.783  1.00 29.89 ? 2   DG  C C2    1 
ATOM   116 N  N2    . DG  B 2 2 ? 0.530   -0.092  -0.129  1.00 27.58 ? 2   DG  C N2    1 
ATOM   117 N  N3    . DG  B 2 2 ? 2.120   1.316   -1.028  1.00 30.30 ? 2   DG  C N3    1 
ATOM   118 C  C4    . DG  B 2 2 ? 2.260   2.484   -1.689  1.00 31.47 ? 2   DG  C C4    1 
ATOM   119 P  P     . DG  B 2 3 ? 8.770   0.952   -2.751  1.00 41.28 ? 3   DG  C P     1 
ATOM   120 O  OP1   . DG  B 2 3 ? 9.912   1.626   -2.146  1.00 44.33 ? 3   DG  C OP1   1 
ATOM   121 O  OP2   . DG  B 2 3 ? 8.502   1.176   -4.196  1.00 44.37 ? 3   DG  C OP2   1 
ATOM   122 O  "O5'" . DG  B 2 3 ? 8.873   -0.598  -2.404  1.00 35.49 ? 3   DG  C "O5'" 1 
ATOM   123 C  "C5'" . DG  B 2 3 ? 8.660   -1.113  -1.086  1.00 32.83 ? 3   DG  C "C5'" 1 
ATOM   124 C  "C4'" . DG  B 2 3 ? 7.830   -2.374  -1.138  1.00 32.18 ? 3   DG  C "C4'" 1 
ATOM   125 O  "O4'" . DG  B 2 3 ? 6.430   -2.054  -1.323  1.00 31.63 ? 3   DG  C "O4'" 1 
ATOM   126 C  "C3'" . DG  B 2 3 ? 8.188   -3.363  -2.253  1.00 31.96 ? 3   DG  C "C3'" 1 
ATOM   127 O  "O3'" . DG  B 2 3 ? 8.169   -4.646  -1.645  1.00 32.18 ? 3   DG  C "O3'" 1 
ATOM   128 C  "C2'" . DG  B 2 3 ? 7.129   -3.107  -3.315  1.00 31.98 ? 3   DG  C "C2'" 1 
ATOM   129 C  "C1'" . DG  B 2 3 ? 5.919   -2.682  -2.506  1.00 32.87 ? 3   DG  C "C1'" 1 
ATOM   130 N  N9    . DG  B 2 3 ? 5.012   -1.731  -3.141  1.00 31.39 ? 3   DG  C N9    1 
ATOM   131 C  C8    . DG  B 2 3 ? 5.350   -0.633  -3.897  1.00 32.71 ? 3   DG  C C8    1 
ATOM   132 N  N7    . DG  B 2 3 ? 4.310   0.054   -4.298  1.00 32.14 ? 3   DG  C N7    1 
ATOM   133 C  C5    . DG  B 2 3 ? 3.223   -0.625  -3.764  1.00 30.81 ? 3   DG  C C5    1 
ATOM   134 C  C6    . DG  B 2 3 ? 1.835   -0.340  -3.839  1.00 31.40 ? 3   DG  C C6    1 
ATOM   135 O  O6    . DG  B 2 3 ? 1.272   0.621   -4.374  1.00 32.47 ? 3   DG  C O6    1 
ATOM   136 N  N1    . DG  B 2 3 ? 1.083   -1.273  -3.133  1.00 30.72 ? 3   DG  C N1    1 
ATOM   137 C  C2    . DG  B 2 3 ? 1.595   -2.354  -2.462  1.00 29.39 ? 3   DG  C C2    1 
ATOM   138 N  N2    . DG  B 2 3 ? 0.702   -3.146  -1.859  1.00 29.94 ? 3   DG  C N2    1 
ATOM   139 N  N3    . DG  B 2 3 ? 2.888   -2.629  -2.378  1.00 30.35 ? 3   DG  C N3    1 
ATOM   140 C  C4    . DG  B 2 3 ? 3.639   -1.724  -3.038  1.00 30.04 ? 3   DG  C C4    1 
ATOM   141 P  P     . DC  B 2 4 ? 8.463   -5.965  -2.485  1.00 35.03 ? 4   DC  C P     1 
ATOM   142 O  OP1   . DC  B 2 4 ? 8.953   -6.990  -1.542  1.00 34.01 ? 4   DC  C OP1   1 
ATOM   143 O  OP2   . DC  B 2 4 ? 9.221   -5.595  -3.695  1.00 35.36 ? 4   DC  C OP2   1 
ATOM   144 O  "O5'" . DC  B 2 4 ? 7.008   -6.437  -2.947  1.00 34.52 ? 4   DC  C "O5'" 1 
ATOM   145 C  "C5'" . DC  B 2 4 ? 6.043   -6.887  -1.968  1.00 35.61 ? 4   DC  C "C5'" 1 
ATOM   146 C  "C4'" . DC  B 2 4 ? 4.684   -7.070  -2.602  1.00 36.84 ? 4   DC  C "C4'" 1 
ATOM   147 O  "O4'" . DC  B 2 4 ? 4.170   -5.782  -2.975  1.00 36.58 ? 4   DC  C "O4'" 1 
ATOM   148 C  "C3'" . DC  B 2 4 ? 4.667   -7.869  -3.907  1.00 34.45 ? 4   DC  C "C3'" 1 
ATOM   149 O  "O3'" . DC  B 2 4 ? 4.559   -9.262  -3.660  1.00 35.97 ? 4   DC  C "O3'" 1 
ATOM   150 C  "C2'" . DC  B 2 4 ? 3.432   -7.348  -4.614  1.00 35.23 ? 4   DC  C "C2'" 1 
ATOM   151 C  "C1'" . DC  B 2 4 ? 3.185   -5.983  -3.969  1.00 34.75 ? 4   DC  C "C1'" 1 
ATOM   152 N  N1    . DC  B 2 4 ? 3.204   -4.820  -4.864  1.00 33.49 ? 4   DC  C N1    1 
ATOM   153 C  C2    . DC  B 2 4 ? 1.977   -4.252  -5.215  1.00 31.01 ? 4   DC  C C2    1 
ATOM   154 O  O2    . DC  B 2 4 ? 0.937   -4.767  -4.780  1.00 32.65 ? 4   DC  C O2    1 
ATOM   155 N  N3    . DC  B 2 4 ? 1.956   -3.149  -5.994  1.00 32.50 ? 4   DC  C N3    1 
ATOM   156 C  C4    . DC  B 2 4 ? 3.096   -2.644  -6.468  1.00 32.33 ? 4   DC  C C4    1 
ATOM   157 N  N4    . DC  B 2 4 ? 3.023   -1.562  -7.248  1.00 36.08 ? 4   DC  C N4    1 
ATOM   158 C  C5    . DC  B 2 4 ? 4.364   -3.212  -6.143  1.00 31.83 ? 4   DC  C C5    1 
ATOM   159 C  C6    . DC  B 2 4 ? 4.371   -4.286  -5.337  1.00 35.45 ? 4   DC  C C6    1 
HETATM 160 BA BA    . BA  C 3 . ? 0.276   2.006   -9.147  0.46 78.66 ? 101 BA  A BA    1 
HETATM 161 RU RU1   . R1Z D 4 . ? 0.882   -1.371  5.029   1.00 31.02 ? 101 R1Z C RU1   1 
HETATM 162 N  N7    . R1Z D 4 . ? 2.633   -2.504  5.091   1.00 29.91 ? 101 R1Z C N7    1 
HETATM 163 C  C29   . R1Z D 4 . ? 3.695   -2.383  5.914   1.00 33.19 ? 101 R1Z C C29   1 
HETATM 164 C  C30   . R1Z D 4 . ? 4.763   -3.267  5.758   1.00 32.47 ? 101 R1Z C C30   1 
HETATM 165 C  C31   . R1Z D 4 . ? 4.730   -4.284  4.773   1.00 35.16 ? 101 R1Z C C31   1 
HETATM 166 C  C32   . R1Z D 4 . ? 3.638   -4.391  3.902   1.00 30.01 ? 101 R1Z C C32   1 
HETATM 167 C  C33   . R1Z D 4 . ? 2.555   -3.501  4.039   1.00 30.76 ? 101 R1Z C C33   1 
HETATM 168 C  C34   . R1Z D 4 . ? 1.383   -3.522  3.187   1.00 30.74 ? 101 R1Z C C34   1 
HETATM 169 N  N8    . R1Z D 4 . ? 0.392   -2.517  3.333   1.00 29.80 ? 101 R1Z C N8    1 
HETATM 170 C  C38   . R1Z D 4 . ? -0.747  -2.517  2.646   1.00 31.84 ? 101 R1Z C C38   1 
HETATM 171 C  C37   . R1Z D 4 . ? -0.950  -3.430  1.601   1.00 31.64 ? 101 R1Z C C37   1 
HETATM 172 C  C36   . R1Z D 4 . ? 0.013   -4.401  1.361   1.00 31.00 ? 101 R1Z C C36   1 
HETATM 173 C  C35   . R1Z D 4 . ? 1.165   -4.439  2.145   1.00 31.90 ? 101 R1Z C C35   1 
HETATM 174 N  N6    . R1Z D 4 . ? 1.380   -0.293  6.762   1.00 31.96 ? 101 R1Z C N6    1 
HETATM 175 C  C28   . R1Z D 4 . ? 2.088   0.818   6.869   1.00 32.71 ? 101 R1Z C C28   1 
HETATM 176 C  C27   . R1Z D 4 . ? 2.304   1.336   8.168   1.00 33.09 ? 101 R1Z C C27   1 
HETATM 177 C  C26   . R1Z D 4 . ? 1.828   0.662   9.296   1.00 30.74 ? 101 R1Z C C26   1 
HETATM 178 C  C25   . R1Z D 4 . ? 1.141   -0.531  9.184   1.00 33.91 ? 101 R1Z C C25   1 
HETATM 179 C  C24   . R1Z D 4 . ? 0.906   -1.048  7.881   1.00 32.05 ? 101 R1Z C C24   1 
HETATM 180 C  C23   . R1Z D 4 . ? 0.239   -2.265  7.669   1.00 33.32 ? 101 R1Z C C23   1 
HETATM 181 N  N5    . R1Z D 4 . ? 0.078   -2.761  6.330   1.00 31.76 ? 101 R1Z C N5    1 
HETATM 182 C  C19   . R1Z D 4 . ? -0.608  -3.881  6.050   1.00 32.04 ? 101 R1Z C C19   1 
HETATM 183 C  C20   . R1Z D 4 . ? -1.103  -4.646  7.103   1.00 32.85 ? 101 R1Z C C20   1 
HETATM 184 C  C21   . R1Z D 4 . ? -0.935  -4.223  8.429   1.00 32.67 ? 101 R1Z C C21   1 
HETATM 185 C  C22   . R1Z D 4 . ? -0.272  -3.049  8.731   1.00 32.39 ? 101 R1Z C C22   1 
HETATM 186 C  C10   . R1Z D 4 . ? -3.512  5.339   1.212   1.00 38.23 ? 101 R1Z C C10   1 
HETATM 187 C  C11   . R1Z D 4 . ? -2.429  4.511   1.551   1.00 35.31 ? 101 R1Z C C11   1 
HETATM 188 N  N4    . R1Z D 4 . ? -2.604  3.502   2.441   1.00 35.33 ? 101 R1Z C N4    1 
HETATM 189 C  C12   . R1Z D 4 . ? -1.564  2.688   2.773   1.00 32.46 ? 101 R1Z C C12   1 
HETATM 190 C  C1    . R1Z D 4 . ? -1.763  1.630   3.673   1.00 31.88 ? 101 R1Z C C1    1 
HETATM 191 C  C13   . R1Z D 4 . ? -2.991  1.374   4.307   1.00 31.96 ? 101 R1Z C C13   1 
HETATM 192 C  C14   . R1Z D 4 . ? -3.141  0.297   5.197   1.00 31.33 ? 101 R1Z C C14   1 
HETATM 193 C  C15   . R1Z D 4 . ? -2.060  -0.540  5.506   1.00 32.39 ? 101 R1Z C C15   1 
HETATM 194 N  N1    . R1Z D 4 . ? -0.865  -0.252  4.916   1.00 30.46 ? 101 R1Z C N1    1 
HETATM 195 C  C2    . R1Z D 4 . ? -0.678  0.806   3.994   1.00 31.92 ? 101 R1Z C C2    1 
HETATM 196 C  C3    . R1Z D 4 . ? 0.600   1.002   3.420   1.00 31.21 ? 101 R1Z C C3    1 
HETATM 197 C  C9    . R1Z D 4 . ? -3.327  6.380   0.296   1.00 38.27 ? 101 R1Z C C9    1 
HETATM 198 C  C8    . R1Z D 4 . ? -2.064  6.586   -0.282  1.00 41.30 ? 101 R1Z C C8    1 
HETATM 199 C  C7    . R1Z D 4 . ? -0.985  5.748   0.058   1.00 39.64 ? 101 R1Z C C7    1 
HETATM 200 C  C6    . R1Z D 4 . ? -1.168  4.723   0.977   1.00 34.45 ? 101 R1Z C C6    1 
HETATM 201 N  N3    . R1Z D 4 . ? -0.119  3.915   1.296   1.00 34.51 ? 101 R1Z C N3    1 
HETATM 202 C  C5    . R1Z D 4 . ? -0.293  2.903   2.195   1.00 32.24 ? 101 R1Z C C5    1 
HETATM 203 C  C4    . R1Z D 4 . ? 0.793   2.061   2.525   1.00 34.00 ? 101 R1Z C C4    1 
HETATM 204 C  C18   . R1Z D 4 . ? 2.082   2.244   1.984   1.00 32.61 ? 101 R1Z C C18   1 
HETATM 205 C  C17   . R1Z D 4 . ? 3.112   1.368   2.362   1.00 31.68 ? 101 R1Z C C17   1 
HETATM 206 C  C16   . R1Z D 4 . ? 2.888   0.299   3.260   1.00 30.40 ? 101 R1Z C C16   1 
HETATM 207 N  N2    . R1Z D 4 . ? 1.663   0.096   3.749   1.00 29.36 ? 101 R1Z C N2    1 
HETATM 208 CL CL    . CL  E 5 . ? 4.285   -7.098  1.282   0.50 33.81 ? 102 CL  C CL    1 
HETATM 209 O  O     . HOH F 6 . ? -2.262  -5.195  -1.353  1.00 32.97 ? 201 HOH A O     1 
HETATM 210 O  O     . HOH F 6 . ? -4.527  0.725   -11.650 1.00 54.58 ? 202 HOH A O     1 
HETATM 211 O  O     . HOH F 6 . ? -7.840  1.171   -2.302  1.00 53.39 ? 203 HOH A O     1 
HETATM 212 O  O     . HOH F 6 . ? -7.223  4.420   7.329   1.00 52.35 ? 204 HOH A O     1 
HETATM 213 O  O     . HOH F 6 . ? -3.987  -5.505  -4.109  0.88 35.22 ? 205 HOH A O     1 
HETATM 214 O  O     . HOH F 6 . ? -6.082  4.696   -1.912  1.00 46.73 ? 206 HOH A O     1 
HETATM 215 O  O     . HOH F 6 . ? -3.864  -6.220  8.182   1.00 53.44 ? 207 HOH A O     1 
HETATM 216 O  O     . HOH F 6 . ? -2.705  3.493   -5.618  1.00 39.83 ? 208 HOH A O     1 
HETATM 217 O  O     . HOH F 6 . ? -8.734  -0.896  1.065   1.00 48.97 ? 209 HOH A O     1 
HETATM 218 O  O     . HOH F 6 . ? -1.908  3.573   -8.753  1.00 71.02 ? 210 HOH A O     1 
HETATM 219 O  O     . HOH F 6 . ? -7.577  -7.388  4.136   1.00 66.30 ? 211 HOH A O     1 
HETATM 220 O  O     . HOH F 6 . ? -12.283 1.617   -5.963  1.00 61.78 ? 212 HOH A O     1 
HETATM 221 O  O     . HOH F 6 . ? -0.680  -2.137  12.156  1.00 46.83 ? 213 HOH A O     1 
HETATM 222 O  O     . HOH F 6 . ? -8.917  -7.049  -2.948  1.00 61.96 ? 214 HOH A O     1 
HETATM 223 O  O     . HOH F 6 . ? -5.996  3.545   -8.634  0.81 53.27 ? 215 HOH A O     1 
HETATM 224 O  O     . HOH F 6 . ? -4.308  6.840   -3.160  1.00 57.85 ? 216 HOH A O     1 
HETATM 225 O  O     . HOH F 6 . ? -11.427 -6.552  2.995   1.00 63.06 ? 217 HOH A O     1 
HETATM 226 O  O     . HOH F 6 . ? -7.869  0.340   9.107   1.00 54.59 ? 218 HOH A O     1 
HETATM 227 O  O     . HOH F 6 . ? -5.540  3.645   -5.876  1.00 55.79 ? 219 HOH A O     1 
HETATM 228 O  O     . HOH F 6 . ? -12.537 -6.493  0.369   1.00 57.77 ? 220 HOH A O     1 
HETATM 229 O  O     . HOH G 6 . ? 10.010  2.267   0.127   1.00 42.40 ? 201 HOH C O     1 
HETATM 230 O  O     . HOH G 6 . ? 8.223   -9.411  -1.192  1.00 35.12 ? 202 HOH C O     1 
HETATM 231 O  O     . HOH G 6 . ? -1.659  5.598   -3.794  1.00 44.23 ? 203 HOH C O     1 
HETATM 232 O  O     . HOH G 6 . ? 11.297  -7.751  -0.809  1.00 34.63 ? 204 HOH C O     1 
HETATM 233 O  O     . HOH G 6 . ? 6.846   -10.451 -3.453  1.00 41.18 ? 205 HOH C O     1 
HETATM 234 O  O     . HOH G 6 . ? 9.886   6.272   -0.066  0.50 38.09 ? 206 HOH C O     1 
HETATM 235 O  O     . HOH G 6 . ? 7.875   5.391   3.530   1.00 30.98 ? 207 HOH C O     1 
HETATM 236 O  O     . HOH G 6 . ? 4.613   1.991   -6.185  1.00 45.60 ? 208 HOH C O     1 
HETATM 237 O  O     . HOH G 6 . ? -0.301  -7.260  -4.596  1.00 46.87 ? 209 HOH C O     1 
HETATM 238 O  O     . HOH G 6 . ? 1.236   7.084   -3.488  1.00 54.70 ? 210 HOH C O     1 
HETATM 239 O  O     . HOH G 6 . ? 11.217  -3.880  -4.718  1.00 60.57 ? 211 HOH C O     1 
HETATM 240 O  O     . HOH G 6 . ? 5.424   -0.438  -8.253  1.00 47.02 ? 212 HOH C O     1 
HETATM 241 O  O     . HOH G 6 . ? 5.329   6.876   -3.296  1.00 39.76 ? 213 HOH C O     1 
HETATM 242 O  O     . HOH G 6 . ? 10.472  -7.876  -4.898  1.00 54.69 ? 214 HOH C O     1 
HETATM 243 O  O     . HOH G 6 . ? 1.695   2.643   -6.386  1.00 52.84 ? 215 HOH C O     1 
HETATM 244 O  O     . HOH G 6 . ? 3.428   3.975   5.526   1.00 35.70 ? 216 HOH C O     1 
HETATM 245 O  O     . HOH G 6 . ? 4.740   -0.206  0.211   1.00 29.87 ? 217 HOH C O     1 
HETATM 246 O  O     . HOH G 6 . ? 11.395  3.751   -3.529  1.00 43.75 ? 218 HOH C O     1 
HETATM 247 O  O     . HOH G 6 . ? 3.375   -4.448  -0.119  1.00 32.77 ? 219 HOH C O     1 
HETATM 248 O  O     . HOH G 6 . ? -5.280  8.798   2.918   1.00 46.97 ? 220 HOH C O     1 
HETATM 249 O  O     . HOH G 6 . ? 0.157   -6.155  -1.952  1.00 37.32 ? 221 HOH C O     1 
HETATM 250 O  O     . HOH G 6 . ? 2.758   -1.836  1.101   1.00 30.76 ? 222 HOH C O     1 
HETATM 251 O  O     . HOH G 6 . ? -5.997  3.366   3.386   1.00 61.43 ? 223 HOH C O     1 
HETATM 252 O  O     . HOH G 6 . ? 5.636   3.733   3.865   1.00 37.64 ? 224 HOH C O     1 
HETATM 253 O  O     . HOH G 6 . ? 11.446  -1.567  -5.148  1.00 46.47 ? 225 HOH C O     1 
HETATM 254 O  O     . HOH G 6 . ? 4.577   -1.384  8.945   1.00 31.99 ? 226 HOH C O     1 
HETATM 255 O  O     . HOH G 6 . ? 6.382   1.200   3.040   1.00 42.72 ? 227 HOH C O     1 
HETATM 256 O  O     . HOH G 6 . ? 9.852   5.622   -2.846  1.00 43.89 ? 228 HOH C O     1 
HETATM 257 O  O     . HOH G 6 . ? 7.486   5.907   -4.354  1.00 49.03 ? 229 HOH C O     1 
HETATM 258 O  O     . HOH G 6 . ? 10.556  -10.504 -0.042  1.00 39.52 ? 230 HOH C O     1 
HETATM 259 O  O     . HOH G 6 . ? 1.569   -7.664  -0.148  1.00 33.70 ? 231 HOH C O     1 
HETATM 260 O  O     . HOH G 6 . ? -3.565  9.354   -1.783  1.00 66.88 ? 232 HOH C O     1 
HETATM 261 O  O     . HOH G 6 . ? -7.290  11.019  1.613   1.00 79.55 ? 233 HOH C O     1 
# 
